data_1BIM
#
_entry.id   1BIM
#
_cell.length_a   142.900
_cell.length_b   142.900
_cell.length_c   142.900
_cell.angle_alpha   90.00
_cell.angle_beta   90.00
_cell.angle_gamma   90.00
#
_symmetry.space_group_name_H-M   'P 21 3'
#
loop_
_entity.id
_entity.type
_entity.pdbx_description
1 polymer Renin
2 non-polymer (2S)-2-[(2-amino-1,3-thiazol-4-yl)methyl]-N~1~-{(1S,2S)-1-(cyclohexylmethyl)-2-hydroxy-2-[(3R)-1,5,5-trimethyl-2-oxopyrrolidin-3-yl]ethyl}-N~4~-[2-(dimethylamino)-2-oxoethyl]-N~4~-[(1S)-1-phenylethyl]butanediamide
#
_entity_poly.entity_id   1
_entity_poly.type   'polypeptide(L)'
_entity_poly.pdbx_seq_one_letter_code
;GNTTSSVILTNYMDTQYYGEIGIGTPPQTFKVVFDTGSSNVWVPSSKCSRLYTACVYHKLFDASDSSSYKHNGTELTLRY
STGTVSGFLSQDIITVGGITVTQMFGEVTEMPALPFMLAEFDGVVGMGFIEQAIGRVTPIFDNIISQGVLKEDVFSFYYN
RDSENSQSLGGQIVLGGSDPQHYEGNFHYINLIKTGVWQIQMKGVSVGSSTLLCEDGCLALVDTGASYISGSTSSIEKLM
EALGAKKRLFDYVVKCNEGPTLPDISFHLGGKEYTLTSADYVFQESYSSKKLCTLAIHAMDIPPPTGPTWALGATFIRKF
YTEFDRRNNRIGFALAR
;
_entity_poly.pdbx_strand_id   A,B
#
loop_
_chem_comp.id
_chem_comp.type
_chem_comp.name
_chem_comp.formula
0QB non-polymer (2S)-2-[(2-amino-1,3-thiazol-4-yl)methyl]-N~1~-{(1S,2S)-1-(cyclohexylmethyl)-2-hydroxy-2-[(3R)-1,5,5-trimethyl-2-oxopyrrolidin-3-yl]ethyl}-N~4~-[2-(dimethylamino)-2-oxoethyl]-N~4~-[(1S)-1-phenylethyl]butanediamide 'C36 H54 N6 O5 S'
#
# COMPACT_ATOMS: atom_id res chain seq x y z
N GLY A 1 -2.50 11.91 -32.20
CA GLY A 1 -1.73 10.80 -32.69
C GLY A 1 -2.10 9.53 -31.94
N ASN A 2 -1.19 8.56 -32.03
CA ASN A 2 -1.41 7.31 -31.36
C ASN A 2 -0.21 6.74 -30.56
N THR A 3 0.58 7.59 -29.97
CA THR A 3 1.64 7.01 -29.21
C THR A 3 1.35 7.01 -27.72
N THR A 4 1.79 5.92 -27.15
CA THR A 4 1.79 5.73 -25.74
C THR A 4 3.18 5.27 -25.37
N SER A 5 3.70 5.71 -24.23
CA SER A 5 5.05 5.33 -23.91
C SER A 5 5.08 5.18 -22.46
N SER A 6 6.04 4.41 -22.01
CA SER A 6 6.25 4.25 -20.59
C SER A 6 7.60 4.82 -20.29
N VAL A 7 7.91 4.86 -19.04
CA VAL A 7 9.23 5.13 -18.65
C VAL A 7 9.28 4.31 -17.42
N ILE A 8 10.11 3.30 -17.34
CA ILE A 8 10.14 2.47 -16.12
C ILE A 8 10.93 3.17 -14.99
N LEU A 9 10.35 3.27 -13.82
CA LEU A 9 11.02 3.97 -12.76
C LEU A 9 11.57 3.11 -11.67
N THR A 10 12.70 3.48 -11.13
CA THR A 10 13.32 2.73 -10.08
C THR A 10 13.03 3.40 -8.78
N ASN A 11 12.36 2.65 -7.90
CA ASN A 11 12.05 3.08 -6.57
C ASN A 11 13.21 2.77 -5.72
N TYR A 12 13.82 3.83 -5.28
CA TYR A 12 14.93 3.75 -4.38
C TYR A 12 14.47 4.37 -3.09
N MET A 13 14.16 3.47 -2.15
CA MET A 13 13.74 3.79 -0.79
C MET A 13 12.44 4.56 -0.57
N ASP A 14 11.51 4.60 -1.51
CA ASP A 14 10.29 5.36 -1.29
C ASP A 14 10.59 6.86 -1.24
N THR A 15 11.90 7.19 -1.31
CA THR A 15 12.31 8.55 -1.34
C THR A 15 12.68 8.98 -2.72
N GLN A 16 13.29 8.10 -3.52
CA GLN A 16 13.69 8.44 -4.89
C GLN A 16 13.23 7.45 -5.99
N TYR A 17 12.63 8.03 -7.04
CA TYR A 17 12.08 7.35 -8.21
C TYR A 17 12.63 7.95 -9.49
N TYR A 18 13.62 7.29 -10.05
CA TYR A 18 14.23 7.81 -11.25
C TYR A 18 14.07 6.90 -12.40
N GLY A 19 14.08 7.50 -13.61
CA GLY A 19 13.97 6.84 -14.89
C GLY A 19 15.29 6.97 -15.59
N GLU A 20 15.25 6.82 -16.89
CA GLU A 20 16.46 6.92 -17.63
C GLU A 20 16.19 7.62 -18.87
N ILE A 21 17.06 8.55 -19.19
CA ILE A 21 17.05 9.30 -20.43
C ILE A 21 18.42 9.27 -21.10
N GLY A 22 18.41 9.38 -22.43
CA GLY A 22 19.62 9.43 -23.22
C GLY A 22 19.74 10.76 -24.03
N ILE A 23 20.94 11.31 -23.98
CA ILE A 23 21.28 12.54 -24.65
C ILE A 23 22.50 12.32 -25.52
N GLY A 24 22.34 12.81 -26.74
CA GLY A 24 23.34 12.71 -27.78
C GLY A 24 23.30 11.35 -28.47
N THR A 25 23.97 11.32 -29.61
CA THR A 25 24.11 10.15 -30.42
C THR A 25 25.61 9.99 -30.50
N PRO A 26 26.20 8.89 -30.05
CA PRO A 26 25.59 7.77 -29.36
C PRO A 26 25.05 8.25 -28.04
N PRO A 27 24.02 7.54 -27.57
CA PRO A 27 23.46 7.92 -26.34
C PRO A 27 24.37 7.73 -25.17
N GLN A 28 24.26 8.72 -24.32
CA GLN A 28 24.87 8.84 -23.04
C GLN A 28 23.70 8.73 -22.11
N THR A 29 23.58 7.63 -21.35
CA THR A 29 22.42 7.37 -20.53
C THR A 29 22.53 7.97 -19.16
N PHE A 30 21.38 8.46 -18.66
CA PHE A 30 21.36 9.13 -17.36
C PHE A 30 20.18 8.77 -16.53
N LYS A 31 20.37 8.72 -15.21
CA LYS A 31 19.31 8.45 -14.25
C LYS A 31 18.75 9.79 -13.88
N VAL A 32 17.55 10.10 -14.35
CA VAL A 32 16.96 11.38 -14.02
C VAL A 32 15.70 11.22 -13.19
N VAL A 33 15.22 12.35 -12.65
CA VAL A 33 14.00 12.39 -11.85
C VAL A 33 12.97 13.23 -12.60
N PHE A 34 11.74 12.72 -12.69
CA PHE A 34 10.65 13.33 -13.41
C PHE A 34 9.96 14.19 -12.42
N ASP A 35 9.98 15.51 -12.65
CA ASP A 35 9.56 16.52 -11.68
C ASP A 35 8.53 17.59 -12.07
N THR A 36 7.28 17.41 -11.59
CA THR A 36 6.18 18.31 -11.81
C THR A 36 6.22 19.59 -10.95
N GLY A 37 7.37 20.01 -10.46
CA GLY A 37 7.55 21.24 -9.68
C GLY A 37 8.59 22.13 -10.39
N SER A 38 8.94 21.69 -11.61
CA SER A 38 9.94 22.31 -12.45
C SER A 38 9.73 21.99 -13.93
N SER A 39 10.23 22.89 -14.79
CA SER A 39 10.05 22.73 -16.21
C SER A 39 11.31 22.51 -17.05
N ASN A 40 12.47 22.39 -16.39
CA ASN A 40 13.80 22.22 -17.00
C ASN A 40 14.44 20.83 -16.92
N VAL A 41 15.37 20.54 -17.85
CA VAL A 41 16.24 19.36 -17.77
C VAL A 41 17.66 19.90 -17.35
N TRP A 42 18.58 19.01 -16.95
CA TRP A 42 19.96 19.33 -16.56
C TRP A 42 20.64 18.04 -16.20
N VAL A 43 21.87 17.88 -16.52
CA VAL A 43 22.53 16.65 -16.17
C VAL A 43 23.98 16.97 -16.01
N PRO A 44 24.69 16.45 -15.01
CA PRO A 44 26.07 16.82 -14.84
C PRO A 44 26.96 17.01 -16.07
N SER A 45 27.82 18.01 -15.97
CA SER A 45 28.68 18.28 -17.10
C SER A 45 30.12 17.77 -16.98
N SER A 46 30.65 17.46 -18.18
CA SER A 46 32.04 17.11 -18.25
C SER A 46 32.82 18.33 -17.70
N LYS A 47 32.44 19.47 -18.19
CA LYS A 47 32.98 20.71 -17.75
C LYS A 47 32.88 20.94 -16.23
N CYS A 48 32.26 20.08 -15.45
CA CYS A 48 32.10 20.31 -13.99
C CYS A 48 33.36 20.12 -13.08
N SER A 49 33.66 21.05 -12.15
CA SER A 49 34.82 21.02 -11.24
C SER A 49 34.83 19.76 -10.50
N ARG A 50 35.95 19.06 -10.52
CA ARG A 50 35.95 17.80 -9.78
C ARG A 50 36.00 18.04 -8.26
N LEU A 51 36.08 19.35 -7.91
CA LEU A 51 36.05 19.74 -6.53
C LEU A 51 34.63 19.66 -5.97
N TYR A 52 33.70 19.29 -6.87
CA TYR A 52 32.30 18.99 -6.61
C TYR A 52 32.21 17.50 -6.58
N THR A 53 32.29 16.96 -5.38
CA THR A 53 32.27 15.54 -5.24
C THR A 53 31.12 14.89 -6.00
N ALA A 54 29.95 15.52 -6.08
CA ALA A 54 28.81 14.97 -6.81
C ALA A 54 29.13 14.70 -8.29
N CYS A 55 30.00 15.57 -8.78
CA CYS A 55 30.55 15.57 -10.12
C CYS A 55 31.61 14.51 -10.25
N VAL A 56 32.22 14.09 -9.15
CA VAL A 56 33.12 12.94 -9.23
C VAL A 56 32.19 11.73 -9.18
N TYR A 57 31.13 11.81 -8.34
CA TYR A 57 30.18 10.69 -8.08
C TYR A 57 28.96 10.51 -9.00
N HIS A 58 28.83 11.14 -10.18
CA HIS A 58 27.67 10.82 -11.03
C HIS A 58 28.10 10.62 -12.48
N LYS A 59 27.16 10.57 -13.41
CA LYS A 59 27.57 10.42 -14.80
C LYS A 59 27.51 11.79 -15.44
N LEU A 60 28.63 12.22 -16.01
CA LEU A 60 28.73 13.51 -16.62
C LEU A 60 28.44 13.48 -18.10
N PHE A 61 27.83 14.54 -18.63
CA PHE A 61 27.58 14.57 -20.07
C PHE A 61 28.86 15.14 -20.71
N ASP A 62 29.36 14.49 -21.76
CA ASP A 62 30.52 14.93 -22.49
C ASP A 62 30.08 15.22 -23.91
N ALA A 63 29.90 16.49 -24.25
CA ALA A 63 29.46 16.93 -25.55
C ALA A 63 30.34 16.61 -26.73
N SER A 64 31.62 16.44 -26.47
CA SER A 64 32.67 16.13 -27.47
C SER A 64 32.57 14.69 -27.97
N ASP A 65 31.59 13.99 -27.44
CA ASP A 65 31.31 12.67 -27.81
C ASP A 65 29.93 12.62 -28.38
N SER A 66 29.43 13.77 -28.78
CA SER A 66 28.07 13.85 -29.32
C SER A 66 27.99 14.60 -30.62
N SER A 67 27.95 13.82 -31.69
CA SER A 67 27.87 14.39 -32.98
C SER A 67 26.54 15.12 -33.09
N SER A 68 25.54 14.79 -32.24
CA SER A 68 24.26 15.45 -32.43
C SER A 68 24.03 16.77 -31.74
N TYR A 69 25.08 17.36 -31.15
CA TYR A 69 25.13 18.50 -30.21
C TYR A 69 25.33 19.92 -30.71
N LYS A 70 24.52 20.85 -30.25
CA LYS A 70 24.70 22.22 -30.63
C LYS A 70 24.94 23.18 -29.51
N HIS A 71 26.20 23.57 -29.33
CA HIS A 71 26.60 24.58 -28.35
C HIS A 71 25.60 25.73 -28.31
N ASN A 72 25.12 26.06 -27.12
CA ASN A 72 24.26 27.20 -26.91
C ASN A 72 25.10 27.97 -25.92
N GLY A 73 24.95 27.76 -24.64
CA GLY A 73 25.95 28.37 -23.83
C GLY A 73 25.52 29.30 -22.74
N THR A 74 24.24 29.57 -22.62
CA THR A 74 23.82 30.53 -21.62
C THR A 74 23.83 30.03 -20.19
N GLU A 75 24.43 30.81 -19.29
CA GLU A 75 24.44 30.40 -17.91
C GLU A 75 22.95 30.29 -17.41
N LEU A 76 22.63 29.32 -16.55
CA LEU A 76 21.35 29.22 -15.94
C LEU A 76 21.52 28.76 -14.53
N THR A 77 20.61 29.16 -13.68
CA THR A 77 20.74 28.68 -12.34
C THR A 77 19.46 27.97 -12.02
N LEU A 78 19.56 26.76 -11.51
CA LEU A 78 18.38 26.07 -11.13
C LEU A 78 18.37 25.96 -9.62
N ARG A 79 17.52 26.76 -9.02
CA ARG A 79 17.47 26.73 -7.60
C ARG A 79 16.20 26.11 -7.22
N TYR A 80 16.31 25.06 -6.43
CA TYR A 80 15.21 24.31 -5.96
C TYR A 80 15.26 24.50 -4.53
N SER A 81 14.17 24.15 -3.86
CA SER A 81 14.01 24.33 -2.44
C SER A 81 15.00 23.54 -1.56
N THR A 82 15.79 22.71 -2.13
CA THR A 82 16.65 21.90 -1.31
C THR A 82 18.09 22.10 -1.75
N GLY A 83 18.19 22.87 -2.81
CA GLY A 83 19.49 23.15 -3.38
C GLY A 83 19.50 23.75 -4.79
N THR A 84 20.61 24.45 -5.02
CA THR A 84 20.87 25.15 -6.22
C THR A 84 21.81 24.40 -7.09
N VAL A 85 21.80 24.76 -8.37
CA VAL A 85 22.68 24.17 -9.38
C VAL A 85 22.81 25.13 -10.54
N SER A 86 23.99 25.74 -10.69
CA SER A 86 24.26 26.62 -11.83
C SER A 86 24.91 25.81 -12.94
N GLY A 87 24.71 26.27 -14.17
CA GLY A 87 25.30 25.60 -15.31
C GLY A 87 25.22 26.44 -16.54
N PHE A 88 24.82 25.86 -17.64
CA PHE A 88 24.72 26.58 -18.88
C PHE A 88 23.97 25.69 -19.83
N LEU A 89 23.43 26.27 -20.90
CA LEU A 89 22.60 25.52 -21.83
C LEU A 89 23.23 24.89 -23.09
N SER A 90 22.94 23.62 -23.35
CA SER A 90 23.30 22.99 -24.59
C SER A 90 22.01 22.47 -25.22
N GLN A 91 22.12 21.84 -26.38
CA GLN A 91 21.00 21.17 -27.03
C GLN A 91 21.42 19.92 -27.72
N ASP A 92 20.63 18.87 -27.64
CA ASP A 92 21.01 17.64 -28.32
C ASP A 92 19.77 16.79 -28.33
N ILE A 93 19.85 15.56 -28.80
CA ILE A 93 18.64 14.81 -28.79
C ILE A 93 18.54 14.07 -27.48
N ILE A 94 17.35 14.05 -26.92
CA ILE A 94 17.04 13.33 -25.71
C ILE A 94 16.14 12.15 -26.07
N THR A 95 16.43 10.97 -25.51
CA THR A 95 15.47 9.93 -25.75
C THR A 95 14.70 9.61 -24.51
N VAL A 96 13.41 9.95 -24.57
CA VAL A 96 12.55 9.69 -23.45
C VAL A 96 11.58 8.60 -23.77
N GLY A 97 11.84 7.45 -23.16
CA GLY A 97 11.03 6.26 -23.37
C GLY A 97 10.17 6.34 -24.62
N GLY A 98 10.77 6.00 -25.76
CA GLY A 98 10.06 6.00 -27.03
C GLY A 98 10.47 7.19 -27.88
N ILE A 99 10.00 8.39 -27.39
CA ILE A 99 10.18 9.74 -27.96
C ILE A 99 11.63 10.27 -27.97
N THR A 100 11.99 10.90 -29.13
CA THR A 100 13.26 11.59 -29.42
C THR A 100 12.92 13.05 -29.61
N VAL A 101 13.55 13.88 -28.79
CA VAL A 101 13.33 15.28 -28.91
C VAL A 101 14.66 15.99 -28.99
N THR A 102 14.70 17.04 -29.75
CA THR A 102 15.93 17.73 -29.74
C THR A 102 15.70 18.54 -28.53
N GLN A 103 16.28 18.17 -27.40
CA GLN A 103 16.01 18.96 -26.21
C GLN A 103 17.04 20.06 -25.96
N MET A 104 16.52 21.13 -25.41
CA MET A 104 17.35 22.22 -25.00
C MET A 104 17.57 21.96 -23.51
N PHE A 105 18.79 21.61 -23.11
CA PHE A 105 18.95 21.29 -21.71
C PHE A 105 20.09 21.99 -21.04
N GLY A 106 20.47 21.60 -19.86
CA GLY A 106 21.58 22.31 -19.20
C GLY A 106 22.67 21.43 -18.58
N GLU A 107 23.93 21.86 -18.79
CA GLU A 107 25.13 21.18 -18.33
C GLU A 107 25.54 21.65 -16.92
N VAL A 108 24.99 21.05 -15.86
CA VAL A 108 25.29 21.46 -14.48
C VAL A 108 26.79 21.36 -14.17
N THR A 109 27.45 22.49 -13.87
CA THR A 109 28.90 22.47 -13.64
C THR A 109 29.25 22.88 -12.24
N GLU A 110 28.19 22.95 -11.44
CA GLU A 110 28.25 23.23 -10.04
C GLU A 110 27.17 22.44 -9.39
N MET A 111 27.53 21.26 -8.96
CA MET A 111 26.64 20.33 -8.32
C MET A 111 26.96 20.14 -6.83
N PRO A 112 26.16 20.73 -5.94
CA PRO A 112 26.41 20.53 -4.54
C PRO A 112 26.07 19.15 -3.95
N ALA A 113 27.01 18.78 -3.03
CA ALA A 113 27.14 17.57 -2.22
C ALA A 113 25.96 17.29 -1.35
N LEU A 114 25.32 18.37 -1.00
CA LEU A 114 24.17 18.40 -0.17
C LEU A 114 23.11 19.18 -0.96
N PRO A 115 22.18 18.52 -1.59
CA PRO A 115 21.82 17.15 -1.40
C PRO A 115 22.41 16.09 -2.34
N PHE A 116 22.84 16.52 -3.52
CA PHE A 116 23.25 15.68 -4.62
C PHE A 116 24.05 14.41 -4.37
N MET A 117 24.95 14.47 -3.40
CA MET A 117 25.72 13.33 -2.94
C MET A 117 24.82 12.19 -2.42
N LEU A 118 23.61 12.52 -1.93
CA LEU A 118 22.68 11.54 -1.40
C LEU A 118 21.73 11.14 -2.50
N ALA A 119 21.85 11.79 -3.65
CA ALA A 119 21.05 11.54 -4.85
C ALA A 119 21.41 10.23 -5.54
N GLU A 120 20.41 9.43 -5.93
CA GLU A 120 20.68 8.19 -6.60
C GLU A 120 20.65 8.41 -8.13
N PHE A 121 19.95 9.48 -8.49
CA PHE A 121 19.79 9.94 -9.84
C PHE A 121 20.84 11.01 -10.15
N ASP A 122 21.21 11.17 -11.43
CA ASP A 122 22.18 12.15 -11.96
C ASP A 122 21.62 13.57 -12.13
N GLY A 123 20.49 13.66 -12.84
CA GLY A 123 19.80 14.89 -13.12
C GLY A 123 18.29 14.78 -13.06
N VAL A 124 17.66 15.81 -13.53
CA VAL A 124 16.20 15.97 -13.44
C VAL A 124 15.56 16.34 -14.79
N VAL A 125 14.31 15.93 -14.95
CA VAL A 125 13.52 16.22 -16.12
C VAL A 125 12.30 16.91 -15.57
N GLY A 126 12.17 18.21 -15.85
CA GLY A 126 11.06 18.99 -15.34
C GLY A 126 9.82 18.73 -16.14
N MET A 127 8.71 18.53 -15.46
CA MET A 127 7.46 18.28 -16.12
C MET A 127 6.36 19.28 -15.78
N GLY A 128 6.79 20.50 -15.51
CA GLY A 128 5.97 21.67 -15.19
C GLY A 128 5.89 22.58 -16.40
N PHE A 129 4.98 23.57 -16.42
CA PHE A 129 4.88 24.38 -17.65
C PHE A 129 6.05 25.36 -17.93
N ILE A 130 5.97 26.03 -19.08
CA ILE A 130 7.01 26.99 -19.56
C ILE A 130 6.87 28.30 -18.84
N GLU A 131 5.78 28.38 -18.15
CA GLU A 131 5.53 29.54 -17.33
C GLU A 131 6.41 29.47 -16.07
N GLN A 132 7.24 28.42 -15.93
CA GLN A 132 8.18 28.30 -14.83
C GLN A 132 9.62 28.08 -15.31
N ALA A 133 9.82 27.80 -16.60
CA ALA A 133 11.15 27.45 -17.04
C ALA A 133 12.15 28.54 -16.94
N ILE A 134 13.20 28.19 -16.23
CA ILE A 134 14.26 29.14 -16.08
C ILE A 134 14.82 29.42 -17.45
N GLY A 135 15.04 30.66 -17.83
CA GLY A 135 15.51 30.84 -19.18
C GLY A 135 14.38 30.70 -20.21
N ARG A 136 13.19 30.34 -19.81
CA ARG A 136 12.15 30.29 -20.82
C ARG A 136 12.57 29.40 -21.97
N VAL A 137 12.97 28.20 -21.63
CA VAL A 137 13.34 27.23 -22.61
C VAL A 137 12.19 26.23 -22.77
N THR A 138 11.77 26.01 -24.03
CA THR A 138 10.63 25.13 -24.30
C THR A 138 10.82 23.73 -23.71
N PRO A 139 10.02 23.38 -22.69
CA PRO A 139 10.13 22.12 -21.97
C PRO A 139 9.90 20.82 -22.72
N ILE A 140 10.65 19.77 -22.31
CA ILE A 140 10.61 18.45 -22.88
C ILE A 140 9.25 18.03 -23.37
N PHE A 141 8.27 18.04 -22.53
CA PHE A 141 6.96 17.59 -22.99
C PHE A 141 6.33 18.54 -24.00
N ASP A 142 6.52 19.81 -23.75
CA ASP A 142 6.06 20.82 -24.63
C ASP A 142 6.62 20.50 -26.01
N ASN A 143 7.80 19.91 -26.10
CA ASN A 143 8.30 19.49 -27.39
C ASN A 143 7.62 18.21 -28.00
N ILE A 144 7.26 17.24 -27.13
CA ILE A 144 6.57 15.98 -27.51
C ILE A 144 5.14 16.31 -27.91
N ILE A 145 4.69 17.42 -27.44
CA ILE A 145 3.35 17.73 -27.81
C ILE A 145 3.38 18.43 -29.17
N SER A 146 4.43 19.21 -29.42
CA SER A 146 4.59 19.86 -30.70
C SER A 146 4.97 18.84 -31.76
N GLN A 147 5.01 17.56 -31.34
CA GLN A 147 5.44 16.43 -32.18
C GLN A 147 4.33 15.63 -32.83
N GLY A 148 3.12 15.89 -32.32
CA GLY A 148 1.91 15.21 -32.70
C GLY A 148 2.03 13.68 -32.62
N VAL A 149 2.87 13.13 -31.74
CA VAL A 149 2.88 11.68 -31.70
C VAL A 149 1.80 11.15 -30.77
N LEU A 150 1.84 11.62 -29.53
CA LEU A 150 0.94 11.28 -28.42
C LEU A 150 -0.49 11.00 -28.79
N LYS A 151 -1.01 9.89 -28.32
CA LYS A 151 -2.40 9.60 -28.59
C LYS A 151 -3.28 10.65 -27.97
N GLU A 152 -2.82 11.03 -26.79
CA GLU A 152 -3.49 11.94 -25.89
C GLU A 152 -2.45 12.80 -25.21
N ASP A 153 -2.89 14.03 -24.94
CA ASP A 153 -2.08 15.07 -24.37
C ASP A 153 -2.06 15.10 -22.84
N VAL A 154 -1.69 13.94 -22.25
CA VAL A 154 -1.56 13.74 -20.78
C VAL A 154 -0.30 12.87 -20.44
N PHE A 155 0.08 12.90 -19.17
CA PHE A 155 1.14 12.04 -18.71
C PHE A 155 0.70 11.52 -17.34
N SER A 156 0.93 10.26 -17.00
CA SER A 156 0.43 9.84 -15.69
C SER A 156 1.46 9.22 -14.78
N PHE A 157 1.32 9.43 -13.47
CA PHE A 157 2.29 8.88 -12.52
C PHE A 157 1.86 7.64 -11.74
N TYR A 158 2.69 6.64 -11.72
CA TYR A 158 2.44 5.51 -10.87
C TYR A 158 3.67 5.33 -10.03
N TYR A 159 3.45 5.36 -8.72
CA TYR A 159 4.55 5.21 -7.81
C TYR A 159 4.33 3.99 -6.92
N ASN A 160 5.06 2.94 -7.26
CA ASN A 160 4.96 1.75 -6.50
C ASN A 160 5.53 1.95 -5.10
N ARG A 161 5.41 0.93 -4.30
CA ARG A 161 6.02 0.95 -3.01
C ARG A 161 7.25 -0.02 -3.03
N ASP A 162 8.16 0.03 -2.10
CA ASP A 162 9.31 -0.84 -2.27
C ASP A 162 9.07 -2.34 -2.25
N SER A 163 10.17 -3.06 -2.47
CA SER A 163 10.27 -4.52 -2.39
C SER A 163 11.60 -4.85 -1.69
N GLU A 164 11.83 -6.07 -1.17
CA GLU A 164 13.15 -6.33 -0.57
C GLU A 164 14.08 -6.51 -1.76
N SER A 168 10.31 -4.44 -6.52
CA SER A 168 9.00 -4.56 -7.20
C SER A 168 9.10 -3.88 -8.59
N LEU A 169 7.96 -3.62 -9.24
CA LEU A 169 8.00 -2.74 -10.37
C LEU A 169 7.89 -1.33 -9.72
N GLY A 170 9.03 -0.64 -9.59
CA GLY A 170 9.19 0.63 -8.91
C GLY A 170 8.16 1.72 -9.11
N GLY A 171 7.84 1.90 -10.36
CA GLY A 171 6.89 2.91 -10.75
C GLY A 171 6.87 2.98 -12.24
N GLN A 172 6.13 3.96 -12.74
CA GLN A 172 6.07 4.10 -14.17
C GLN A 172 5.37 5.34 -14.61
N ILE A 173 5.94 6.04 -15.56
CA ILE A 173 5.23 7.13 -16.22
C ILE A 173 4.67 6.60 -17.55
N VAL A 174 3.66 7.27 -18.02
CA VAL A 174 3.04 6.98 -19.29
C VAL A 174 2.80 8.30 -19.95
N LEU A 175 3.46 8.51 -21.08
CA LEU A 175 3.24 9.71 -21.81
C LEU A 175 2.28 9.36 -22.90
N GLY A 176 1.15 10.06 -22.88
CA GLY A 176 0.13 9.84 -23.83
C GLY A 176 -1.09 9.32 -23.14
N GLY A 177 -0.94 8.17 -22.53
CA GLY A 177 -2.09 7.59 -21.88
C GLY A 177 -2.02 7.55 -20.37
N SER A 178 -2.69 6.49 -19.90
CA SER A 178 -2.93 6.05 -18.53
C SER A 178 -2.88 4.55 -18.54
N ASP A 179 -2.74 3.99 -17.36
CA ASP A 179 -2.62 2.56 -17.25
C ASP A 179 -3.67 1.91 -16.39
N PRO A 180 -4.74 1.45 -17.00
CA PRO A 180 -5.71 0.72 -16.28
C PRO A 180 -5.20 -0.53 -15.50
N GLN A 181 -3.89 -0.81 -15.54
CA GLN A 181 -3.41 -1.83 -14.63
C GLN A 181 -2.70 -1.16 -13.45
N HIS A 182 -2.88 0.15 -13.24
CA HIS A 182 -2.28 0.77 -12.06
C HIS A 182 -3.24 1.37 -11.06
N TYR A 183 -4.47 1.38 -11.49
CA TYR A 183 -5.47 1.96 -10.69
C TYR A 183 -6.75 1.20 -10.80
N GLU A 184 -7.66 1.53 -9.92
CA GLU A 184 -8.99 1.00 -9.82
C GLU A 184 -10.01 2.13 -9.72
N GLY A 185 -11.18 1.83 -10.27
CA GLY A 185 -12.28 2.72 -10.26
C GLY A 185 -12.08 3.74 -11.36
N ASN A 186 -12.46 4.95 -11.06
CA ASN A 186 -12.33 5.97 -12.01
C ASN A 186 -11.79 7.24 -11.41
N PHE A 187 -11.26 8.05 -12.29
CA PHE A 187 -10.65 9.26 -11.88
C PHE A 187 -11.58 10.30 -11.32
N HIS A 188 -10.96 11.12 -10.52
CA HIS A 188 -11.58 12.29 -10.00
C HIS A 188 -10.68 13.37 -10.44
N TYR A 189 -11.33 14.32 -11.09
CA TYR A 189 -10.72 15.41 -11.73
C TYR A 189 -10.76 16.68 -10.88
N ILE A 190 -9.59 17.28 -10.78
CA ILE A 190 -9.47 18.53 -10.09
C ILE A 190 -8.79 19.42 -11.14
N ASN A 191 -9.27 20.66 -11.34
CA ASN A 191 -8.71 21.50 -12.38
C ASN A 191 -8.00 22.68 -11.79
N LEU A 192 -6.76 22.86 -12.21
CA LEU A 192 -5.90 23.86 -11.63
C LEU A 192 -6.39 25.28 -11.59
N ILE A 193 -5.87 26.05 -10.65
CA ILE A 193 -6.15 27.48 -10.55
C ILE A 193 -5.69 28.19 -11.84
N LYS A 194 -4.49 28.76 -11.83
CA LYS A 194 -3.94 29.33 -13.05
C LYS A 194 -3.41 28.16 -13.88
N THR A 195 -3.14 28.38 -15.14
CA THR A 195 -2.42 27.35 -15.83
C THR A 195 -0.92 27.71 -15.72
N GLY A 196 0.00 26.77 -15.80
CA GLY A 196 1.39 27.14 -15.63
C GLY A 196 2.02 26.43 -14.40
N VAL A 197 1.14 26.12 -13.40
CA VAL A 197 1.47 25.43 -12.15
C VAL A 197 0.52 24.27 -11.87
N TRP A 198 1.03 23.12 -11.44
CA TRP A 198 0.10 22.01 -11.14
C TRP A 198 -0.61 22.13 -9.79
N GLN A 199 -1.34 23.18 -9.61
CA GLN A 199 -1.94 23.39 -8.32
C GLN A 199 -3.42 23.06 -8.34
N ILE A 200 -3.93 22.80 -7.17
CA ILE A 200 -5.31 22.42 -7.01
C ILE A 200 -5.78 22.97 -5.67
N GLN A 201 -7.03 23.47 -5.58
CA GLN A 201 -7.50 24.04 -4.34
C GLN A 201 -7.78 22.89 -3.43
N MET A 202 -7.45 23.14 -2.17
CA MET A 202 -7.67 22.19 -1.11
C MET A 202 -8.72 22.74 -0.13
N LYS A 203 -9.85 22.01 0.01
CA LYS A 203 -10.88 22.42 0.94
C LYS A 203 -10.61 22.15 2.39
N GLY A 204 -9.58 21.38 2.71
CA GLY A 204 -9.20 21.17 4.10
C GLY A 204 -8.23 19.99 4.35
N VAL A 205 -7.74 19.94 5.57
CA VAL A 205 -6.93 18.84 6.03
C VAL A 205 -7.45 18.31 7.36
N SER A 206 -7.82 17.03 7.38
CA SER A 206 -8.33 16.43 8.58
C SER A 206 -7.35 15.41 9.18
N VAL A 207 -6.63 15.75 10.27
CA VAL A 207 -5.89 14.75 10.98
C VAL A 207 -6.99 14.41 11.91
N GLY A 208 -7.38 13.16 12.08
CA GLY A 208 -8.49 12.80 12.95
C GLY A 208 -9.75 12.69 12.12
N SER A 209 -10.67 13.62 12.30
CA SER A 209 -11.86 13.62 11.47
C SER A 209 -12.18 15.07 11.16
N SER A 210 -11.99 15.83 12.26
CA SER A 210 -12.09 17.28 12.25
C SER A 210 -11.06 17.85 11.31
N THR A 211 -11.56 18.75 10.52
CA THR A 211 -10.72 19.49 9.62
C THR A 211 -9.91 20.35 10.57
N LEU A 212 -8.79 19.80 11.00
CA LEU A 212 -7.98 20.52 11.94
C LEU A 212 -7.07 21.54 11.20
N LEU A 213 -7.16 21.57 9.85
CA LEU A 213 -6.39 22.51 9.04
C LEU A 213 -7.03 22.82 7.67
N CYS A 214 -6.52 23.86 7.00
CA CYS A 214 -6.96 24.29 5.67
C CYS A 214 -8.45 24.58 5.53
N GLU A 215 -9.17 24.64 6.67
CA GLU A 215 -10.59 25.03 6.64
C GLU A 215 -10.60 26.42 6.06
N ASP A 216 -11.61 26.76 5.23
CA ASP A 216 -11.61 28.04 4.48
C ASP A 216 -10.55 27.85 3.37
N GLY A 217 -10.37 26.63 2.89
CA GLY A 217 -9.42 26.26 1.82
C GLY A 217 -8.01 26.73 2.02
N CYS A 218 -7.16 26.27 1.06
CA CYS A 218 -5.74 26.47 0.80
C CYS A 218 -5.38 25.79 -0.54
N LEU A 219 -4.08 25.78 -0.93
CA LEU A 219 -3.65 25.18 -2.19
C LEU A 219 -2.74 23.94 -2.07
N ALA A 220 -2.83 23.07 -3.10
CA ALA A 220 -2.08 21.83 -3.17
C ALA A 220 -1.30 21.71 -4.46
N LEU A 221 0.00 21.74 -4.41
CA LEU A 221 0.80 21.59 -5.62
C LEU A 221 1.04 20.14 -5.85
N VAL A 222 0.82 19.65 -7.07
CA VAL A 222 1.08 18.21 -7.27
C VAL A 222 2.45 17.89 -7.78
N ASP A 223 3.29 17.40 -6.89
CA ASP A 223 4.66 17.13 -7.32
C ASP A 223 5.32 15.77 -7.12
N THR A 224 5.88 15.28 -8.22
CA THR A 224 6.57 14.02 -8.30
C THR A 224 7.99 14.11 -7.80
N GLY A 225 8.63 15.28 -7.89
CA GLY A 225 9.99 15.51 -7.46
C GLY A 225 10.20 15.74 -5.94
N ALA A 226 9.09 15.52 -5.18
CA ALA A 226 8.98 15.64 -3.73
C ALA A 226 8.82 14.29 -3.02
N SER A 227 9.83 13.85 -2.29
CA SER A 227 9.80 12.61 -1.55
C SER A 227 8.68 12.57 -0.52
N TYR A 228 8.34 13.75 0.03
CA TYR A 228 7.37 13.83 1.09
C TYR A 228 6.18 14.70 0.76
N ILE A 229 5.30 14.77 1.75
CA ILE A 229 4.18 15.69 1.76
C ILE A 229 4.72 16.90 2.53
N SER A 230 4.48 18.11 2.04
CA SER A 230 4.90 19.27 2.76
C SER A 230 3.68 20.13 3.01
N GLY A 231 3.72 20.88 4.10
CA GLY A 231 2.67 21.78 4.58
C GLY A 231 3.38 22.96 5.27
N SER A 232 2.84 24.15 5.22
CA SER A 232 3.59 25.25 5.76
C SER A 232 4.08 25.04 7.17
N THR A 233 5.07 25.79 7.61
CA THR A 233 5.59 25.64 8.95
C THR A 233 4.50 25.47 10.05
N SER A 234 3.71 26.51 10.33
CA SER A 234 2.62 26.50 11.32
C SER A 234 1.55 25.41 11.10
N SER A 235 1.34 25.15 9.82
CA SER A 235 0.41 24.18 9.37
C SER A 235 0.88 22.83 9.83
N ILE A 236 2.18 22.60 9.71
CA ILE A 236 2.74 21.33 10.13
C ILE A 236 2.93 21.22 11.63
N GLU A 237 3.24 22.37 12.23
CA GLU A 237 3.35 22.53 13.68
C GLU A 237 2.05 22.03 14.32
N LYS A 238 0.97 22.49 13.78
CA LYS A 238 -0.29 22.06 14.28
C LYS A 238 -0.52 20.58 14.00
N LEU A 239 -0.39 20.17 12.74
CA LEU A 239 -0.63 18.76 12.35
C LEU A 239 0.16 17.86 13.28
N MET A 240 1.46 18.11 13.34
CA MET A 240 2.30 17.35 14.16
C MET A 240 1.85 17.29 15.60
N GLU A 241 1.45 18.44 16.12
CA GLU A 241 0.94 18.62 17.48
C GLU A 241 -0.14 17.60 17.73
N ALA A 242 -1.12 17.64 16.85
CA ALA A 242 -2.22 16.71 16.91
C ALA A 242 -1.68 15.31 17.04
N LEU A 243 -0.70 15.03 16.19
CA LEU A 243 -0.10 13.74 16.00
C LEU A 243 0.92 13.22 17.01
N GLY A 244 1.35 13.99 18.00
CA GLY A 244 2.34 13.46 18.98
C GLY A 244 3.84 13.50 18.60
N ALA A 245 4.10 13.80 17.32
CA ALA A 245 5.43 13.81 16.70
C ALA A 245 6.50 14.76 17.23
N LYS A 246 7.68 14.18 17.37
CA LYS A 246 8.91 14.85 17.77
C LYS A 246 9.47 15.60 16.55
N LYS A 247 9.55 16.94 16.63
CA LYS A 247 10.12 17.76 15.56
C LYS A 247 11.62 17.79 15.65
N ARG A 248 12.34 17.31 14.69
CA ARG A 248 13.76 17.45 14.86
C ARG A 248 14.28 18.39 13.80
N LEU A 249 15.54 18.10 13.39
CA LEU A 249 16.24 18.88 12.41
C LEU A 249 15.57 18.70 11.05
N PHE A 250 15.73 17.53 10.46
CA PHE A 250 15.21 17.38 9.14
C PHE A 250 13.82 16.74 8.97
N ASP A 251 13.45 15.87 9.92
CA ASP A 251 12.23 15.09 9.81
C ASP A 251 11.45 15.12 11.07
N TYR A 252 10.36 14.38 11.04
CA TYR A 252 9.47 14.24 12.17
C TYR A 252 9.51 12.79 12.65
N VAL A 253 9.38 12.61 13.98
CA VAL A 253 9.49 11.27 14.49
C VAL A 253 8.36 10.80 15.45
N VAL A 254 8.41 9.50 15.81
CA VAL A 254 7.36 8.90 16.62
C VAL A 254 7.82 7.57 17.22
N LYS A 255 7.44 7.26 18.45
CA LYS A 255 7.89 5.98 18.99
C LYS A 255 7.47 4.96 18.00
N CYS A 256 8.33 4.06 17.58
CA CYS A 256 7.91 3.08 16.58
C CYS A 256 6.61 2.38 16.90
N ASN A 257 6.62 1.66 17.99
CA ASN A 257 5.41 1.00 18.42
C ASN A 257 4.18 1.91 18.28
N GLU A 258 4.38 3.16 18.51
CA GLU A 258 3.29 4.11 18.44
C GLU A 258 2.61 4.17 17.06
N GLY A 259 3.43 3.96 16.01
CA GLY A 259 3.08 4.08 14.58
C GLY A 259 1.77 3.50 14.08
N PRO A 260 1.59 2.21 14.19
CA PRO A 260 0.40 1.60 13.62
C PRO A 260 -0.92 2.09 14.18
N THR A 261 -0.96 3.23 14.88
CA THR A 261 -2.24 3.65 15.43
C THR A 261 -2.48 5.15 15.27
N LEU A 262 -1.47 5.77 14.63
CA LEU A 262 -1.55 7.14 14.34
C LEU A 262 -2.82 7.28 13.52
N PRO A 263 -3.49 8.41 13.67
CA PRO A 263 -4.77 8.49 12.99
C PRO A 263 -4.62 8.85 11.51
N ASP A 264 -5.76 8.64 10.85
CA ASP A 264 -5.98 8.96 9.49
C ASP A 264 -5.80 10.46 9.29
N ILE A 265 -5.14 10.83 8.16
CA ILE A 265 -5.01 12.20 7.71
C ILE A 265 -5.67 12.32 6.33
N SER A 266 -6.55 13.32 6.12
CA SER A 266 -7.23 13.46 4.85
C SER A 266 -7.14 14.77 4.23
N PHE A 267 -7.04 14.65 2.94
CA PHE A 267 -6.98 15.73 2.01
C PHE A 267 -8.35 15.94 1.40
N HIS A 268 -9.07 17.00 1.79
CA HIS A 268 -10.36 17.24 1.15
C HIS A 268 -10.11 17.89 -0.24
N LEU A 269 -9.86 16.99 -1.20
CA LEU A 269 -9.52 17.27 -2.59
C LEU A 269 -10.69 17.17 -3.58
N GLY A 270 -10.85 18.29 -4.31
CA GLY A 270 -11.85 18.51 -5.34
C GLY A 270 -13.23 17.96 -5.00
N GLY A 271 -13.49 17.81 -3.72
CA GLY A 271 -14.77 17.28 -3.38
C GLY A 271 -14.63 15.92 -2.75
N LYS A 272 -13.54 15.15 -3.04
CA LYS A 272 -13.37 13.84 -2.39
C LYS A 272 -12.54 14.00 -1.13
N GLU A 273 -12.50 12.96 -0.34
CA GLU A 273 -11.64 12.99 0.80
C GLU A 273 -10.62 11.97 0.47
N TYR A 274 -9.33 12.40 0.38
CA TYR A 274 -8.19 11.53 0.08
C TYR A 274 -7.42 11.15 1.33
N THR A 275 -7.77 10.06 1.97
CA THR A 275 -7.11 9.67 3.19
C THR A 275 -5.93 8.77 3.03
N LEU A 276 -4.95 9.07 3.87
CA LEU A 276 -3.70 8.36 4.13
C LEU A 276 -3.90 7.91 5.56
N THR A 277 -3.58 6.68 5.79
CA THR A 277 -3.74 6.01 7.03
C THR A 277 -2.34 6.04 7.52
N SER A 278 -2.03 5.61 8.74
CA SER A 278 -0.63 5.72 9.14
C SER A 278 0.30 4.66 8.51
N ALA A 279 -0.22 3.85 7.63
CA ALA A 279 0.63 2.86 7.07
C ALA A 279 1.19 3.44 5.83
N ASP A 280 0.66 4.64 5.55
CA ASP A 280 0.95 5.40 4.34
C ASP A 280 1.92 6.48 4.60
N TYR A 281 1.90 7.00 5.83
CA TYR A 281 2.80 8.07 6.20
C TYR A 281 3.78 7.67 7.28
N VAL A 282 3.84 6.40 7.64
CA VAL A 282 4.78 5.97 8.68
C VAL A 282 5.79 4.94 8.19
N PHE A 283 7.08 5.31 8.27
CA PHE A 283 8.15 4.43 7.87
C PHE A 283 8.46 3.42 8.94
N GLN A 284 7.54 2.52 9.21
CA GLN A 284 7.79 1.51 10.24
C GLN A 284 8.96 0.65 9.82
N GLU A 285 10.15 0.91 10.35
CA GLU A 285 11.24 0.02 10.13
C GLU A 285 11.37 -0.75 11.42
N SER A 286 10.31 -0.77 12.24
CA SER A 286 10.32 -1.40 13.59
C SER A 286 9.09 -1.03 14.42
N TYR A 287 8.87 -1.70 15.54
CA TYR A 287 7.76 -1.39 16.45
C TYR A 287 8.19 -1.32 17.93
N SER A 288 9.42 -0.85 18.06
CA SER A 288 9.97 -0.71 19.36
C SER A 288 9.70 0.60 19.93
N SER A 289 9.52 0.53 21.21
CA SER A 289 9.27 1.67 22.05
C SER A 289 10.52 2.52 22.13
N LYS A 290 11.67 1.85 22.10
CA LYS A 290 13.01 2.45 22.05
C LYS A 290 13.33 3.19 20.74
N LYS A 291 13.19 2.53 19.58
CA LYS A 291 13.50 3.19 18.32
C LYS A 291 12.48 4.22 17.93
N LEU A 292 12.89 5.27 17.24
CA LEU A 292 11.97 6.27 16.73
C LEU A 292 11.65 5.92 15.30
N CYS A 293 10.61 6.57 14.77
CA CYS A 293 10.15 6.26 13.43
C CYS A 293 9.88 7.52 12.60
N THR A 294 10.33 7.55 11.34
CA THR A 294 10.14 8.72 10.51
C THR A 294 8.83 8.78 9.77
N LEU A 295 8.05 9.81 10.07
CA LEU A 295 6.82 10.07 9.39
C LEU A 295 7.22 10.34 7.95
N ALA A 296 6.32 10.72 7.05
CA ALA A 296 6.68 10.96 5.68
C ALA A 296 6.12 12.30 5.23
N ILE A 297 5.85 13.12 6.22
CA ILE A 297 5.32 14.47 6.08
C ILE A 297 6.30 15.45 6.73
N HIS A 298 6.42 16.64 6.12
CA HIS A 298 7.38 17.64 6.59
C HIS A 298 7.15 19.07 6.09
N ALA A 299 7.37 20.07 6.95
CA ALA A 299 7.23 21.46 6.53
C ALA A 299 8.13 21.89 5.37
N MET A 300 7.73 23.05 4.87
CA MET A 300 8.39 23.71 3.79
C MET A 300 7.73 25.05 3.52
N ASP A 301 8.37 26.17 3.85
CA ASP A 301 7.66 27.34 3.45
C ASP A 301 7.99 27.75 2.01
N ILE A 302 6.96 27.66 1.16
CA ILE A 302 7.09 27.99 -0.24
C ILE A 302 6.75 29.46 -0.48
N PRO A 303 7.72 30.23 -0.96
CA PRO A 303 7.41 31.58 -1.10
C PRO A 303 6.63 31.82 -2.36
N PRO A 304 5.83 32.86 -2.28
CA PRO A 304 5.11 33.41 -3.36
C PRO A 304 6.16 33.74 -4.42
N PRO A 305 5.79 33.69 -5.73
CA PRO A 305 4.45 33.41 -6.23
C PRO A 305 3.85 32.01 -6.06
N THR A 306 4.57 30.86 -6.23
CA THR A 306 3.85 29.57 -6.05
C THR A 306 3.32 29.43 -4.67
N GLY A 307 4.15 29.64 -3.68
CA GLY A 307 3.73 29.47 -2.29
C GLY A 307 2.89 30.64 -1.81
N PRO A 308 2.32 30.48 -0.63
CA PRO A 308 2.50 29.30 0.13
C PRO A 308 1.49 28.23 -0.31
N THR A 309 1.99 26.98 -0.34
CA THR A 309 1.25 25.82 -0.78
C THR A 309 1.63 24.65 0.08
N TRP A 310 0.76 23.62 0.04
CA TRP A 310 0.97 22.30 0.52
C TRP A 310 1.50 21.66 -0.77
N ALA A 311 2.39 20.68 -0.64
CA ALA A 311 2.96 19.97 -1.78
C ALA A 311 2.70 18.47 -1.59
N LEU A 312 1.91 17.89 -2.46
CA LEU A 312 1.60 16.48 -2.29
C LEU A 312 2.59 15.71 -3.09
N GLY A 313 3.62 15.21 -2.45
CA GLY A 313 4.63 14.50 -3.18
C GLY A 313 4.37 13.01 -3.23
N ALA A 314 5.51 12.32 -3.39
CA ALA A 314 5.68 10.89 -3.50
C ALA A 314 4.79 10.14 -2.54
N THR A 315 4.71 10.62 -1.29
CA THR A 315 3.86 10.05 -0.23
C THR A 315 2.46 9.66 -0.68
N PHE A 316 1.80 10.62 -1.33
CA PHE A 316 0.41 10.57 -1.77
C PHE A 316 0.18 10.01 -3.16
N ILE A 317 1.14 10.19 -4.10
CA ILE A 317 1.07 9.65 -5.44
C ILE A 317 1.19 8.14 -5.40
N ARG A 318 1.78 7.65 -4.30
CA ARG A 318 1.99 6.23 -4.03
C ARG A 318 0.69 5.51 -3.72
N LYS A 319 -0.32 6.28 -3.23
CA LYS A 319 -1.61 5.74 -2.86
C LYS A 319 -2.62 6.03 -3.92
N PHE A 320 -2.32 7.06 -4.68
CA PHE A 320 -3.20 7.44 -5.74
C PHE A 320 -2.49 7.74 -7.06
N TYR A 321 -2.88 6.94 -8.07
CA TYR A 321 -2.45 7.13 -9.43
C TYR A 321 -2.82 8.57 -9.75
N THR A 322 -1.93 9.26 -10.48
CA THR A 322 -2.13 10.65 -10.85
C THR A 322 -2.03 10.87 -12.35
N GLU A 323 -3.04 11.54 -12.91
CA GLU A 323 -3.09 11.83 -14.33
C GLU A 323 -2.75 13.27 -14.62
N PHE A 324 -1.55 13.58 -15.11
CA PHE A 324 -1.28 14.96 -15.43
C PHE A 324 -1.82 15.28 -16.77
N ASP A 325 -2.91 16.05 -16.78
CA ASP A 325 -3.61 16.30 -18.03
C ASP A 325 -3.42 17.66 -18.64
N ARG A 326 -2.64 17.66 -19.68
CA ARG A 326 -2.46 18.91 -20.30
C ARG A 326 -3.66 19.40 -21.14
N ARG A 327 -4.27 18.53 -21.98
CA ARG A 327 -5.36 18.98 -22.84
C ARG A 327 -6.28 19.89 -22.12
N ASN A 328 -7.23 19.27 -21.44
CA ASN A 328 -8.26 19.92 -20.65
C ASN A 328 -7.73 20.64 -19.39
N ASN A 329 -6.42 20.65 -19.14
CA ASN A 329 -5.87 21.38 -17.98
C ASN A 329 -6.47 21.03 -16.61
N ARG A 330 -6.18 19.84 -16.12
CA ARG A 330 -6.67 19.38 -14.85
C ARG A 330 -5.84 18.20 -14.44
N ILE A 331 -6.05 17.74 -13.20
CA ILE A 331 -5.37 16.57 -12.71
C ILE A 331 -6.38 15.59 -12.15
N GLY A 332 -6.19 14.32 -12.50
CA GLY A 332 -7.10 13.34 -12.00
C GLY A 332 -6.39 12.31 -11.16
N PHE A 333 -7.04 11.83 -10.11
CA PHE A 333 -6.47 10.72 -9.36
C PHE A 333 -7.40 9.49 -9.36
N ALA A 334 -6.82 8.32 -9.17
CA ALA A 334 -7.54 7.07 -9.03
C ALA A 334 -6.81 6.45 -7.88
N LEU A 335 -7.40 5.41 -7.30
CA LEU A 335 -6.83 4.60 -6.22
C LEU A 335 -5.97 3.61 -6.91
N ALA A 336 -4.83 3.18 -6.35
CA ALA A 336 -3.98 2.30 -7.16
C ALA A 336 -3.92 0.80 -6.84
N ARG A 337 -3.19 0.13 -7.70
CA ARG A 337 -2.90 -1.27 -7.63
C ARG A 337 -1.45 -1.56 -8.01
N GLY B 1 -19.85 -9.67 -16.01
CA GLY B 1 -19.02 -8.53 -15.66
C GLY B 1 -17.57 -8.72 -16.07
N ASN B 2 -16.71 -7.75 -15.78
CA ASN B 2 -15.31 -7.90 -16.16
C ASN B 2 -14.37 -7.13 -15.26
N THR B 3 -14.91 -6.58 -14.13
CA THR B 3 -14.03 -5.91 -13.23
C THR B 3 -13.31 -6.92 -12.37
N THR B 4 -12.49 -6.35 -11.49
CA THR B 4 -11.56 -7.03 -10.58
C THR B 4 -10.97 -6.00 -9.59
N SER B 5 -11.14 -6.24 -8.29
CA SER B 5 -10.73 -5.25 -7.28
C SER B 5 -9.88 -5.68 -6.10
N SER B 6 -8.60 -5.35 -6.21
CA SER B 6 -7.68 -5.61 -5.12
C SER B 6 -7.81 -4.59 -3.96
N VAL B 7 -7.48 -5.05 -2.78
CA VAL B 7 -7.52 -4.22 -1.63
C VAL B 7 -6.15 -4.38 -1.04
N ILE B 8 -5.30 -3.35 -1.02
CA ILE B 8 -3.99 -3.52 -0.43
C ILE B 8 -4.18 -3.69 1.06
N LEU B 9 -3.32 -4.56 1.64
CA LEU B 9 -3.36 -5.03 3.01
C LEU B 9 -2.10 -4.73 3.79
N THR B 10 -2.33 -4.33 5.03
CA THR B 10 -1.30 -4.07 5.99
C THR B 10 -1.05 -5.32 6.79
N ASN B 11 0.15 -5.40 7.28
CA ASN B 11 0.57 -6.56 7.98
C ASN B 11 1.20 -6.13 9.27
N TYR B 12 0.46 -6.28 10.32
CA TYR B 12 1.02 -5.90 11.57
C TYR B 12 1.57 -7.15 12.23
N MET B 13 2.92 -7.21 12.21
CA MET B 13 3.75 -8.29 12.78
C MET B 13 3.63 -9.71 12.26
N ASP B 14 3.22 -9.93 11.01
CA ASP B 14 2.98 -11.26 10.45
C ASP B 14 1.80 -11.94 11.17
N THR B 15 1.08 -11.18 12.03
CA THR B 15 -0.03 -11.73 12.80
C THR B 15 -1.39 -11.16 12.43
N GLN B 16 -1.37 -9.90 11.98
CA GLN B 16 -2.56 -9.17 11.54
C GLN B 16 -2.47 -8.51 10.16
N TYR B 17 -3.42 -8.78 9.31
CA TYR B 17 -3.41 -8.28 7.96
C TYR B 17 -4.74 -7.59 7.70
N TYR B 18 -4.69 -6.30 7.51
CA TYR B 18 -5.94 -5.59 7.44
C TYR B 18 -5.94 -4.56 6.37
N GLY B 19 -7.09 -4.38 5.73
CA GLY B 19 -7.20 -3.44 4.62
C GLY B 19 -8.08 -2.32 5.04
N GLU B 20 -8.42 -1.39 4.12
CA GLU B 20 -9.34 -0.31 4.45
C GLU B 20 -10.63 -0.53 3.76
N ILE B 21 -11.73 -0.07 4.37
CA ILE B 21 -13.07 0.00 3.78
C ILE B 21 -13.70 1.31 4.16
N GLY B 22 -14.61 1.79 3.33
CA GLY B 22 -15.28 3.04 3.63
C GLY B 22 -16.81 2.91 3.64
N ILE B 23 -17.40 3.27 4.80
CA ILE B 23 -18.85 3.13 4.97
C ILE B 23 -19.63 4.41 4.96
N GLY B 24 -20.63 4.41 4.11
CA GLY B 24 -21.51 5.56 4.04
C GLY B 24 -21.13 6.65 3.06
N THR B 25 -21.99 7.66 3.05
CA THR B 25 -21.80 8.80 2.23
C THR B 25 -21.66 10.03 3.08
N PRO B 26 -20.50 10.62 3.01
CA PRO B 26 -19.44 10.22 2.14
C PRO B 26 -18.83 9.03 2.79
N PRO B 27 -18.08 8.27 2.03
CA PRO B 27 -17.42 7.15 2.62
C PRO B 27 -16.65 7.57 3.85
N GLN B 28 -16.70 6.68 4.85
CA GLN B 28 -16.00 6.75 6.13
C GLN B 28 -15.10 5.53 6.30
N THR B 29 -13.88 5.78 6.65
CA THR B 29 -12.86 4.78 6.62
C THR B 29 -12.50 4.13 7.95
N PHE B 30 -12.41 2.78 7.86
CA PHE B 30 -12.05 1.85 8.90
C PHE B 30 -11.01 0.89 8.35
N LYS B 31 -10.31 0.22 9.28
CA LYS B 31 -9.29 -0.79 9.00
C LYS B 31 -9.90 -2.15 9.34
N VAL B 32 -10.07 -3.03 8.37
CA VAL B 32 -10.68 -4.30 8.64
C VAL B 32 -9.85 -5.49 8.28
N VAL B 33 -10.31 -6.61 8.77
CA VAL B 33 -9.72 -7.91 8.64
C VAL B 33 -10.71 -8.75 7.88
N PHE B 34 -10.35 -9.21 6.67
CA PHE B 34 -11.25 -10.02 5.85
C PHE B 34 -11.20 -11.50 6.25
N ASP B 35 -12.19 -11.94 7.04
CA ASP B 35 -12.26 -13.28 7.63
C ASP B 35 -12.94 -14.42 6.88
N THR B 36 -12.20 -15.42 6.36
CA THR B 36 -12.87 -16.53 5.73
C THR B 36 -13.55 -17.51 6.71
N GLY B 37 -13.24 -17.30 8.02
CA GLY B 37 -13.78 -18.03 9.15
C GLY B 37 -15.11 -17.49 9.70
N SER B 38 -15.44 -16.23 9.34
CA SER B 38 -16.68 -15.55 9.73
C SER B 38 -17.43 -14.99 8.54
N SER B 39 -18.71 -14.59 8.75
CA SER B 39 -19.56 -14.12 7.66
C SER B 39 -20.38 -12.86 7.87
N ASN B 40 -20.04 -12.13 8.97
CA ASN B 40 -20.60 -10.83 9.40
C ASN B 40 -19.53 -9.75 9.34
N VAL B 41 -20.01 -8.57 8.91
CA VAL B 41 -19.27 -7.32 8.78
C VAL B 41 -19.70 -6.50 9.99
N TRP B 42 -18.74 -5.92 10.68
CA TRP B 42 -19.02 -5.15 11.86
C TRP B 42 -17.86 -4.26 12.09
N VAL B 43 -18.16 -3.06 12.55
CA VAL B 43 -17.25 -2.02 12.96
C VAL B 43 -17.92 -1.21 14.09
N PRO B 44 -17.13 -0.60 14.94
CA PRO B 44 -17.63 0.20 16.04
C PRO B 44 -18.66 1.28 15.70
N SER B 45 -19.62 1.37 16.64
CA SER B 45 -20.67 2.36 16.66
C SER B 45 -20.04 3.53 17.35
N SER B 46 -20.54 4.74 17.04
CA SER B 46 -20.12 5.97 17.70
C SER B 46 -20.95 5.96 18.97
N LYS B 47 -22.09 5.26 18.83
CA LYS B 47 -22.95 4.89 19.93
C LYS B 47 -22.13 4.03 20.91
N CYS B 48 -20.88 3.67 20.56
CA CYS B 48 -20.05 2.92 21.49
C CYS B 48 -19.47 3.74 22.66
N SER B 49 -19.88 3.29 23.87
CA SER B 49 -19.52 3.70 25.23
C SER B 49 -18.00 3.91 25.50
N ARG B 50 -17.68 5.13 25.92
CA ARG B 50 -16.32 5.51 26.19
C ARG B 50 -15.64 4.61 27.21
N LEU B 51 -16.39 4.15 28.22
CA LEU B 51 -15.73 3.28 29.20
C LEU B 51 -14.95 2.12 28.51
N TYR B 52 -15.37 1.74 27.27
CA TYR B 52 -14.67 0.71 26.53
C TYR B 52 -13.49 1.41 25.94
N THR B 53 -12.34 1.21 26.64
CA THR B 53 -11.06 1.80 26.26
C THR B 53 -10.82 1.54 24.78
N ALA B 54 -11.32 0.37 24.38
CA ALA B 54 -11.29 -0.14 23.04
C ALA B 54 -11.90 0.84 22.00
N CYS B 55 -13.23 1.11 22.12
CA CYS B 55 -13.92 2.03 21.25
C CYS B 55 -13.21 3.35 21.30
N VAL B 56 -12.67 3.58 22.51
CA VAL B 56 -11.92 4.76 22.77
C VAL B 56 -10.75 4.94 21.81
N TYR B 57 -10.10 3.85 21.47
CA TYR B 57 -9.02 3.98 20.53
C TYR B 57 -9.38 3.40 19.19
N HIS B 58 -10.64 3.41 18.86
CA HIS B 58 -10.93 2.82 17.59
C HIS B 58 -11.91 3.66 16.83
N LYS B 59 -11.66 3.76 15.52
CA LYS B 59 -12.56 4.45 14.64
C LYS B 59 -14.08 4.10 14.86
N LEU B 60 -14.93 5.10 14.82
CA LEU B 60 -16.34 4.93 15.09
C LEU B 60 -17.29 5.51 14.03
N PHE B 61 -18.38 4.78 13.92
CA PHE B 61 -19.34 5.11 12.95
C PHE B 61 -20.40 6.10 13.39
N ASP B 62 -20.17 7.36 13.10
CA ASP B 62 -21.23 8.30 13.38
C ASP B 62 -22.20 8.24 12.23
N ALA B 63 -23.33 7.55 12.40
CA ALA B 63 -24.31 7.44 11.36
C ALA B 63 -24.84 8.82 10.95
N SER B 64 -24.86 9.77 11.89
CA SER B 64 -25.33 11.07 11.55
C SER B 64 -24.53 11.58 10.42
N ASP B 65 -23.33 11.05 10.33
CA ASP B 65 -22.47 11.45 9.26
C ASP B 65 -22.80 10.92 7.89
N SER B 66 -23.57 9.84 7.80
CA SER B 66 -23.86 9.32 6.48
C SER B 66 -25.26 9.63 6.06
N SER B 67 -25.36 10.28 4.89
CA SER B 67 -26.64 10.59 4.30
C SER B 67 -27.34 9.29 3.97
N SER B 68 -26.60 8.41 3.32
CA SER B 68 -27.08 7.13 2.86
C SER B 68 -27.46 6.20 4.01
N TYR B 69 -26.86 6.38 5.18
CA TYR B 69 -27.20 5.52 6.34
C TYR B 69 -28.69 5.13 6.50
N LYS B 70 -28.98 3.87 6.81
CA LYS B 70 -30.35 3.43 7.11
C LYS B 70 -30.41 2.51 8.31
N HIS B 71 -31.28 2.93 9.24
CA HIS B 71 -31.68 2.33 10.51
C HIS B 71 -32.19 0.88 10.46
N ASN B 72 -31.80 0.10 11.44
CA ASN B 72 -32.34 -1.24 11.57
C ASN B 72 -32.46 -1.66 13.04
N GLY B 73 -31.50 -1.24 13.85
CA GLY B 73 -31.52 -1.53 15.26
C GLY B 73 -31.80 -2.98 15.72
N THR B 74 -31.61 -4.01 14.87
CA THR B 74 -31.83 -5.38 15.33
C THR B 74 -30.56 -5.84 15.95
N GLU B 75 -30.59 -6.19 17.22
CA GLU B 75 -29.44 -6.51 18.07
C GLU B 75 -28.54 -7.66 17.60
N LEU B 76 -27.19 -7.50 17.70
CA LEU B 76 -26.27 -8.57 17.28
C LEU B 76 -25.03 -8.95 18.12
N THR B 77 -25.02 -10.24 18.54
CA THR B 77 -23.90 -10.77 19.30
C THR B 77 -23.15 -11.63 18.33
N LEU B 78 -21.83 -11.37 18.20
CA LEU B 78 -20.93 -12.13 17.36
C LEU B 78 -19.95 -12.75 18.32
N ARG B 79 -19.77 -14.04 18.23
CA ARG B 79 -18.94 -14.71 19.20
C ARG B 79 -17.89 -15.54 18.52
N TYR B 80 -16.66 -15.00 18.59
CA TYR B 80 -15.46 -15.54 17.99
C TYR B 80 -14.65 -16.44 18.90
N SER B 81 -13.67 -17.17 18.39
CA SER B 81 -12.85 -18.02 19.27
C SER B 81 -12.00 -17.28 20.32
N THR B 82 -11.74 -16.02 20.08
CA THR B 82 -10.91 -15.30 20.98
C THR B 82 -11.70 -14.18 21.58
N GLY B 83 -12.93 -14.01 21.12
CA GLY B 83 -13.77 -12.97 21.70
C GLY B 83 -15.23 -12.95 21.21
N THR B 84 -16.08 -12.27 22.02
CA THR B 84 -17.47 -11.98 21.67
C THR B 84 -17.63 -10.45 21.58
N VAL B 85 -18.32 -9.99 20.51
CA VAL B 85 -18.56 -8.57 20.30
C VAL B 85 -20.06 -8.31 20.20
N SER B 86 -20.58 -7.08 20.35
CA SER B 86 -22.01 -6.99 20.22
C SER B 86 -22.59 -5.57 20.07
N GLY B 87 -23.55 -5.46 19.16
CA GLY B 87 -24.23 -4.20 18.86
C GLY B 87 -25.56 -4.42 18.12
N PHE B 88 -25.78 -3.69 17.05
CA PHE B 88 -27.04 -3.89 16.37
C PHE B 88 -26.78 -3.70 14.89
N LEU B 89 -27.73 -4.11 14.06
CA LEU B 89 -27.60 -4.03 12.62
C LEU B 89 -27.95 -2.64 12.06
N SER B 90 -27.12 -2.22 11.08
CA SER B 90 -27.33 -0.98 10.33
C SER B 90 -27.33 -1.26 8.83
N GLN B 91 -27.36 -0.21 7.99
CA GLN B 91 -27.39 -0.41 6.56
C GLN B 91 -26.91 0.83 5.83
N ASP B 92 -25.79 0.69 5.10
CA ASP B 92 -25.22 1.82 4.38
C ASP B 92 -24.61 1.30 3.11
N ILE B 93 -23.77 2.11 2.47
CA ILE B 93 -23.05 1.67 1.33
C ILE B 93 -21.60 1.37 1.70
N ILE B 94 -21.02 0.33 1.11
CA ILE B 94 -19.65 -0.02 1.45
C ILE B 94 -18.66 0.10 0.31
N THR B 95 -17.50 0.64 0.60
CA THR B 95 -16.53 0.64 -0.45
C THR B 95 -15.49 -0.43 -0.26
N VAL B 96 -15.21 -1.22 -1.29
CA VAL B 96 -14.21 -2.28 -1.16
C VAL B 96 -13.52 -2.35 -2.48
N GLY B 97 -12.28 -1.89 -2.48
CA GLY B 97 -11.57 -1.74 -3.72
C GLY B 97 -12.37 -0.69 -4.44
N GLY B 98 -12.31 -0.65 -5.73
CA GLY B 98 -13.14 0.34 -6.37
C GLY B 98 -14.61 -0.02 -6.32
N ILE B 99 -14.98 -1.18 -5.70
CA ILE B 99 -16.35 -1.64 -5.62
C ILE B 99 -17.14 -0.99 -4.48
N THR B 100 -18.44 -0.71 -4.78
CA THR B 100 -19.33 -0.10 -3.82
C THR B 100 -20.67 -0.80 -3.71
N VAL B 101 -21.01 -1.22 -2.50
CA VAL B 101 -22.25 -1.97 -2.24
C VAL B 101 -22.95 -1.69 -0.88
N THR B 102 -24.31 -1.70 -0.91
CA THR B 102 -25.19 -1.60 0.26
C THR B 102 -25.08 -2.87 1.04
N GLN B 103 -24.85 -2.73 2.37
CA GLN B 103 -24.66 -3.86 3.23
C GLN B 103 -25.33 -3.85 4.60
N MET B 104 -25.37 -5.06 5.18
CA MET B 104 -25.84 -5.31 6.51
C MET B 104 -24.61 -5.57 7.35
N PHE B 105 -24.18 -4.40 7.83
CA PHE B 105 -23.08 -4.28 8.72
C PHE B 105 -23.64 -4.17 10.12
N GLY B 106 -22.87 -4.60 11.10
CA GLY B 106 -23.24 -4.49 12.49
C GLY B 106 -22.45 -3.31 13.04
N GLU B 107 -23.09 -2.59 13.92
CA GLU B 107 -22.53 -1.41 14.53
C GLU B 107 -22.27 -1.64 16.03
N VAL B 108 -21.11 -2.22 16.31
CA VAL B 108 -20.63 -2.60 17.63
C VAL B 108 -20.80 -1.61 18.80
N THR B 109 -21.25 -2.11 19.98
CA THR B 109 -21.45 -1.27 21.18
C THR B 109 -20.97 -1.87 22.52
N GLU B 110 -20.70 -3.14 22.50
CA GLU B 110 -20.16 -3.77 23.67
C GLU B 110 -18.98 -4.46 23.02
N MET B 111 -17.75 -4.03 23.34
CA MET B 111 -16.54 -4.61 22.73
C MET B 111 -15.39 -4.64 23.75
N PRO B 112 -14.92 -5.81 24.24
CA PRO B 112 -13.86 -5.97 25.28
C PRO B 112 -12.35 -5.76 24.97
N ALA B 113 -11.60 -5.34 26.00
CA ALA B 113 -10.13 -5.13 25.96
C ALA B 113 -9.39 -6.32 25.44
N LEU B 114 -9.77 -7.45 25.99
CA LEU B 114 -9.27 -8.71 25.56
C LEU B 114 -10.41 -9.30 24.79
N PRO B 115 -10.19 -9.38 23.50
CA PRO B 115 -8.92 -9.13 22.89
C PRO B 115 -8.79 -7.71 22.28
N PHE B 116 -9.95 -7.19 21.94
CA PHE B 116 -10.06 -5.89 21.31
C PHE B 116 -8.90 -4.91 21.27
N MET B 117 -8.12 -4.88 22.34
CA MET B 117 -7.01 -3.96 22.44
C MET B 117 -5.86 -4.37 21.53
N LEU B 118 -5.64 -5.69 21.38
CA LEU B 118 -4.60 -6.33 20.53
C LEU B 118 -4.63 -5.75 19.15
N ALA B 119 -5.86 -5.74 18.70
CA ALA B 119 -6.27 -5.25 17.41
C ALA B 119 -5.79 -3.84 17.08
N GLU B 120 -5.21 -3.79 15.87
CA GLU B 120 -4.71 -2.60 15.22
C GLU B 120 -5.75 -2.04 14.29
N PHE B 121 -6.67 -2.90 13.90
CA PHE B 121 -7.69 -2.50 12.98
C PHE B 121 -8.90 -2.16 13.79
N ASP B 122 -9.97 -1.86 13.09
CA ASP B 122 -11.18 -1.54 13.77
C ASP B 122 -12.22 -2.65 13.66
N GLY B 123 -12.40 -3.27 12.50
CA GLY B 123 -13.47 -4.25 12.39
C GLY B 123 -13.14 -5.49 11.63
N VAL B 124 -14.18 -6.17 11.18
CA VAL B 124 -14.12 -7.42 10.45
C VAL B 124 -15.03 -7.48 9.21
N VAL B 125 -14.57 -8.21 8.23
CA VAL B 125 -15.37 -8.41 7.08
C VAL B 125 -15.30 -9.86 6.84
N GLY B 126 -16.38 -10.58 7.16
CA GLY B 126 -16.38 -12.02 7.06
C GLY B 126 -16.61 -12.53 5.65
N MET B 127 -15.63 -13.23 5.12
CA MET B 127 -15.79 -13.75 3.83
C MET B 127 -16.40 -15.14 3.90
N GLY B 128 -17.28 -15.36 4.85
CA GLY B 128 -17.88 -16.66 4.97
C GLY B 128 -19.14 -16.84 4.13
N PHE B 129 -19.60 -18.08 3.95
CA PHE B 129 -20.85 -18.28 3.23
C PHE B 129 -21.99 -17.72 4.05
N ILE B 130 -23.19 -17.50 3.47
CA ILE B 130 -24.38 -17.06 4.27
C ILE B 130 -24.63 -18.00 5.50
N GLU B 131 -24.70 -19.27 5.17
CA GLU B 131 -24.90 -20.34 6.09
C GLU B 131 -24.42 -20.03 7.49
N GLN B 132 -23.14 -19.76 7.65
CA GLN B 132 -22.56 -19.43 8.93
C GLN B 132 -22.76 -17.94 9.38
N ALA B 133 -23.95 -17.34 9.14
CA ALA B 133 -24.22 -15.90 9.44
C ALA B 133 -25.18 -15.49 10.58
N ILE B 134 -24.74 -14.69 11.54
CA ILE B 134 -25.62 -14.19 12.57
C ILE B 134 -26.55 -13.12 12.08
N GLY B 135 -27.83 -13.47 12.14
CA GLY B 135 -28.94 -12.62 11.71
C GLY B 135 -29.34 -13.03 10.29
N ARG B 136 -28.70 -14.11 9.91
CA ARG B 136 -28.87 -14.62 8.60
C ARG B 136 -28.90 -13.44 7.63
N VAL B 137 -27.88 -12.56 7.73
CA VAL B 137 -27.77 -11.42 6.85
C VAL B 137 -26.71 -11.68 5.83
N THR B 138 -27.13 -11.54 4.60
CA THR B 138 -26.34 -11.81 3.46
C THR B 138 -24.95 -11.28 3.58
N PRO B 139 -23.97 -12.12 3.28
CA PRO B 139 -22.64 -11.62 3.42
C PRO B 139 -22.27 -10.65 2.32
N ILE B 140 -21.23 -9.87 2.59
CA ILE B 140 -20.77 -8.88 1.62
C ILE B 140 -20.55 -9.47 0.25
N PHE B 141 -19.68 -10.51 0.13
CA PHE B 141 -19.38 -11.04 -1.19
C PHE B 141 -20.65 -11.45 -1.89
N ASP B 142 -21.58 -11.98 -1.06
CA ASP B 142 -22.83 -12.49 -1.54
C ASP B 142 -23.62 -11.51 -2.37
N ASN B 143 -23.44 -10.22 -2.02
CA ASN B 143 -24.07 -9.11 -2.71
C ASN B 143 -23.33 -8.79 -3.94
N ILE B 144 -22.07 -8.43 -3.78
CA ILE B 144 -21.18 -8.08 -4.84
C ILE B 144 -21.34 -9.02 -6.03
N ILE B 145 -21.37 -10.35 -5.77
CA ILE B 145 -21.57 -11.40 -6.81
C ILE B 145 -22.76 -10.97 -7.72
N SER B 146 -23.84 -10.77 -7.00
CA SER B 146 -25.08 -10.33 -7.53
C SER B 146 -24.99 -9.00 -8.26
N GLN B 147 -24.16 -8.09 -7.77
CA GLN B 147 -23.95 -6.85 -8.49
C GLN B 147 -23.59 -7.16 -9.95
N GLY B 148 -23.03 -8.34 -10.19
CA GLY B 148 -22.64 -8.76 -11.54
C GLY B 148 -21.54 -7.92 -12.20
N VAL B 149 -20.60 -7.45 -11.39
CA VAL B 149 -19.53 -6.62 -11.93
C VAL B 149 -18.23 -7.36 -12.17
N LEU B 150 -17.99 -8.39 -11.33
CA LEU B 150 -16.73 -9.16 -11.38
C LEU B 150 -16.70 -10.42 -12.25
N LYS B 151 -15.79 -10.33 -13.19
CA LYS B 151 -15.34 -11.34 -14.14
C LYS B 151 -15.49 -12.80 -13.66
N GLU B 152 -15.02 -13.12 -12.45
CA GLU B 152 -15.05 -14.47 -11.84
C GLU B 152 -15.58 -14.38 -10.39
N ASP B 153 -16.38 -15.35 -9.90
CA ASP B 153 -16.84 -15.32 -8.52
C ASP B 153 -15.87 -16.08 -7.64
N VAL B 154 -14.79 -15.38 -7.39
CA VAL B 154 -13.67 -15.84 -6.64
C VAL B 154 -12.99 -14.63 -6.01
N PHE B 155 -12.22 -14.87 -4.94
CA PHE B 155 -11.39 -13.85 -4.29
C PHE B 155 -10.07 -14.44 -3.85
N SER B 156 -8.97 -13.83 -4.24
CA SER B 156 -7.66 -14.33 -3.83
C SER B 156 -7.04 -13.64 -2.64
N PHE B 157 -6.12 -14.35 -2.00
CA PHE B 157 -5.44 -13.87 -0.81
C PHE B 157 -3.99 -14.08 -0.86
N TYR B 158 -3.31 -12.99 -0.66
CA TYR B 158 -1.89 -12.94 -0.59
C TYR B 158 -1.49 -12.39 0.77
N TYR B 159 -0.92 -13.24 1.60
CA TYR B 159 -0.41 -12.74 2.84
C TYR B 159 1.10 -12.60 2.60
N ASN B 160 1.76 -11.49 3.03
CA ASN B 160 3.21 -11.26 2.84
C ASN B 160 4.03 -11.49 4.13
N ARG B 161 5.24 -12.05 4.00
CA ARG B 161 6.06 -12.20 5.20
C ARG B 161 6.55 -10.80 5.56
N ASP B 162 6.48 -10.37 6.82
CA ASP B 162 6.91 -9.01 7.15
C ASP B 162 8.40 -8.74 7.30
N SER B 163 8.75 -7.51 6.96
CA SER B 163 10.10 -6.95 7.06
C SER B 163 9.97 -5.44 7.07
N SER B 168 7.17 -1.45 1.83
CA SER B 168 6.93 -2.88 1.63
C SER B 168 5.50 -3.08 1.25
N LEU B 169 5.15 -4.33 1.15
CA LEU B 169 3.81 -4.74 0.80
C LEU B 169 3.48 -5.88 1.75
N GLY B 170 2.38 -5.80 2.48
CA GLY B 170 2.14 -6.88 3.44
C GLY B 170 1.04 -7.86 3.06
N GLY B 171 0.44 -7.64 1.90
CA GLY B 171 -0.65 -8.47 1.48
C GLY B 171 -1.55 -7.67 0.56
N GLN B 172 -2.48 -8.36 -0.06
CA GLN B 172 -3.40 -7.80 -1.01
C GLN B 172 -4.48 -8.83 -1.29
N ILE B 173 -5.76 -8.40 -1.42
CA ILE B 173 -6.91 -9.26 -1.68
C ILE B 173 -7.40 -8.96 -3.05
N VAL B 174 -7.64 -10.01 -3.82
CA VAL B 174 -8.22 -9.88 -5.16
C VAL B 174 -9.65 -10.37 -5.23
N LEU B 175 -10.53 -9.39 -5.42
CA LEU B 175 -11.92 -9.69 -5.52
C LEU B 175 -12.20 -9.76 -7.00
N GLY B 176 -12.34 -10.96 -7.51
CA GLY B 176 -12.59 -11.10 -8.94
C GLY B 176 -11.60 -12.02 -9.64
N GLY B 177 -10.70 -12.60 -8.82
CA GLY B 177 -9.68 -13.47 -9.35
C GLY B 177 -8.30 -13.43 -8.67
N SER B 178 -7.25 -13.38 -9.48
CA SER B 178 -5.92 -13.54 -8.95
C SER B 178 -4.90 -12.67 -9.61
N ASP B 179 -3.94 -12.27 -8.81
CA ASP B 179 -2.89 -11.41 -9.26
C ASP B 179 -1.68 -12.27 -9.50
N PRO B 180 -1.47 -12.62 -10.76
CA PRO B 180 -0.38 -13.52 -11.12
C PRO B 180 1.02 -13.04 -10.76
N GLN B 181 1.13 -11.82 -10.22
CA GLN B 181 2.40 -11.32 -9.78
C GLN B 181 2.82 -12.01 -8.51
N HIS B 182 1.79 -12.44 -7.75
CA HIS B 182 1.90 -13.05 -6.39
C HIS B 182 1.89 -14.55 -6.26
N TYR B 183 1.82 -15.27 -7.36
CA TYR B 183 1.94 -16.72 -7.33
C TYR B 183 2.85 -17.32 -8.42
N GLU B 184 3.42 -18.44 -8.09
CA GLU B 184 4.24 -19.25 -8.92
C GLU B 184 3.42 -20.50 -9.39
N GLY B 185 3.39 -20.74 -10.72
CA GLY B 185 2.78 -21.94 -11.33
C GLY B 185 1.27 -21.89 -11.35
N ASN B 186 0.63 -23.06 -11.32
CA ASN B 186 -0.83 -23.06 -11.29
C ASN B 186 -1.44 -23.64 -9.99
N PHE B 187 -2.71 -23.40 -9.83
CA PHE B 187 -3.39 -23.81 -8.67
C PHE B 187 -3.74 -25.24 -8.70
N HIS B 188 -3.85 -25.78 -7.54
CA HIS B 188 -4.34 -27.13 -7.36
C HIS B 188 -5.41 -26.98 -6.30
N TYR B 189 -6.59 -27.19 -6.80
CA TYR B 189 -7.77 -26.98 -6.03
C TYR B 189 -8.00 -28.08 -5.02
N ILE B 190 -9.07 -27.93 -4.27
CA ILE B 190 -9.48 -28.82 -3.23
C ILE B 190 -10.93 -28.48 -2.94
N ASN B 191 -11.85 -29.34 -3.37
CA ASN B 191 -13.24 -29.14 -3.15
C ASN B 191 -13.63 -29.09 -1.71
N LEU B 192 -14.65 -28.31 -1.57
CA LEU B 192 -15.23 -28.04 -0.30
C LEU B 192 -15.90 -29.31 0.06
N ILE B 193 -15.91 -29.66 1.35
CA ILE B 193 -16.54 -30.88 1.74
C ILE B 193 -18.04 -30.72 1.62
N LYS B 194 -18.43 -29.46 1.75
CA LYS B 194 -19.80 -29.07 1.77
C LYS B 194 -19.87 -27.56 1.93
N THR B 195 -20.87 -26.95 1.30
CA THR B 195 -21.10 -25.53 1.40
C THR B 195 -21.57 -25.11 2.79
N GLY B 196 -21.41 -23.83 3.00
CA GLY B 196 -21.77 -23.22 4.26
C GLY B 196 -20.47 -22.71 4.85
N VAL B 197 -19.50 -23.63 5.00
CA VAL B 197 -18.17 -23.36 5.57
C VAL B 197 -17.04 -23.48 4.52
N TRP B 198 -15.84 -22.95 4.85
CA TRP B 198 -14.63 -22.95 4.01
C TRP B 198 -13.69 -23.98 4.53
N GLN B 199 -14.02 -25.21 4.37
CA GLN B 199 -13.20 -26.17 5.01
C GLN B 199 -12.97 -27.36 4.12
N ILE B 200 -11.75 -27.78 3.95
CA ILE B 200 -11.57 -28.92 3.09
C ILE B 200 -11.23 -30.08 4.00
N GLN B 201 -10.89 -31.26 3.47
CA GLN B 201 -10.47 -32.33 4.35
C GLN B 201 -9.02 -32.73 4.13
N MET B 202 -8.26 -32.95 5.19
CA MET B 202 -6.84 -33.32 5.07
C MET B 202 -6.63 -34.81 5.23
N LYS B 203 -5.70 -35.39 4.48
CA LYS B 203 -5.38 -36.81 4.61
C LYS B 203 -4.09 -37.07 5.41
N GLY B 204 -3.59 -36.08 6.18
CA GLY B 204 -2.41 -36.35 7.00
C GLY B 204 -1.31 -35.31 7.16
N VAL B 205 -0.89 -35.17 8.43
CA VAL B 205 0.15 -34.25 8.86
C VAL B 205 1.46 -35.02 9.07
N SER B 206 2.46 -34.59 8.33
CA SER B 206 3.74 -35.24 8.28
C SER B 206 4.85 -34.51 8.97
N VAL B 207 5.75 -35.29 9.51
CA VAL B 207 6.89 -34.72 10.13
C VAL B 207 8.08 -35.31 9.41
N GLY B 208 8.48 -34.53 8.44
CA GLY B 208 9.53 -34.97 7.57
C GLY B 208 8.97 -36.03 6.66
N SER B 209 9.43 -37.24 6.90
CA SER B 209 9.08 -38.41 6.10
C SER B 209 7.70 -39.00 6.44
N SER B 210 7.29 -38.87 7.69
CA SER B 210 6.09 -39.57 7.99
C SER B 210 4.89 -38.85 8.49
N THR B 211 3.78 -39.33 7.94
CA THR B 211 2.52 -38.93 8.49
C THR B 211 2.54 -39.38 9.95
N LEU B 212 2.07 -38.55 10.84
CA LEU B 212 1.97 -38.97 12.19
C LEU B 212 0.59 -38.57 12.57
N LEU B 213 0.25 -37.37 12.17
CA LEU B 213 -1.05 -36.95 12.51
C LEU B 213 -1.88 -37.13 11.27
N CYS B 214 -3.17 -37.35 11.54
CA CYS B 214 -4.20 -37.41 10.55
C CYS B 214 -4.16 -38.65 9.67
N GLU B 215 -3.75 -39.77 10.27
CA GLU B 215 -3.69 -41.06 9.56
C GLU B 215 -4.98 -41.52 8.74
N ASP B 216 -6.22 -41.17 9.17
CA ASP B 216 -7.40 -41.58 8.42
C ASP B 216 -8.51 -40.54 8.16
N GLY B 217 -8.10 -39.31 7.74
CA GLY B 217 -9.01 -38.19 7.44
C GLY B 217 -9.14 -37.23 8.63
N CYS B 218 -9.13 -35.94 8.34
CA CYS B 218 -9.32 -34.87 9.30
C CYS B 218 -9.84 -33.64 8.60
N LEU B 219 -10.09 -32.54 9.32
CA LEU B 219 -10.66 -31.42 8.58
C LEU B 219 -9.72 -30.26 8.57
N ALA B 220 -9.78 -29.47 7.54
CA ALA B 220 -8.96 -28.30 7.63
C ALA B 220 -9.68 -27.04 7.14
N LEU B 221 -9.93 -26.13 8.07
CA LEU B 221 -10.51 -24.84 7.77
C LEU B 221 -9.41 -24.04 7.15
N VAL B 222 -9.48 -23.53 5.93
CA VAL B 222 -8.43 -22.59 5.50
C VAL B 222 -8.95 -21.21 5.90
N ASP B 223 -8.39 -20.60 6.95
CA ASP B 223 -8.96 -19.41 7.55
C ASP B 223 -8.03 -18.22 7.52
N THR B 224 -8.50 -17.12 6.91
CA THR B 224 -7.71 -15.88 6.69
C THR B 224 -7.50 -14.90 7.84
N GLY B 225 -8.44 -14.93 8.81
CA GLY B 225 -8.43 -14.10 10.01
C GLY B 225 -8.07 -14.83 11.30
N ALA B 226 -7.23 -15.84 11.18
CA ALA B 226 -6.63 -16.61 12.25
C ALA B 226 -5.14 -16.52 12.00
N SER B 227 -4.31 -16.13 12.96
CA SER B 227 -2.90 -15.96 12.61
C SER B 227 -2.11 -17.20 12.31
N TYR B 228 -2.20 -18.16 13.21
CA TYR B 228 -1.44 -19.37 13.21
C TYR B 228 -2.22 -20.57 12.80
N ILE B 229 -1.53 -21.60 12.42
CA ILE B 229 -2.12 -22.87 12.06
C ILE B 229 -2.51 -23.49 13.37
N SER B 230 -3.65 -24.15 13.43
CA SER B 230 -4.02 -24.72 14.67
C SER B 230 -4.51 -26.13 14.54
N GLY B 231 -4.35 -26.89 15.62
CA GLY B 231 -4.74 -28.26 15.68
C GLY B 231 -5.40 -28.49 17.00
N SER B 232 -5.84 -29.70 17.25
CA SER B 232 -6.43 -29.93 18.53
C SER B 232 -5.33 -30.05 19.55
N THR B 233 -5.62 -29.64 20.75
CA THR B 233 -4.66 -29.66 21.82
C THR B 233 -3.85 -30.92 21.86
N SER B 234 -4.55 -31.99 21.55
CA SER B 234 -4.03 -33.34 21.53
C SER B 234 -3.22 -33.72 20.27
N SER B 235 -3.47 -33.11 19.10
CA SER B 235 -2.67 -33.39 17.93
C SER B 235 -1.45 -32.50 17.98
N ILE B 236 -1.67 -31.21 18.29
CA ILE B 236 -0.59 -30.26 18.44
C ILE B 236 0.41 -30.76 19.49
N GLU B 237 -0.13 -31.40 20.55
CA GLU B 237 0.71 -31.95 21.60
C GLU B 237 1.66 -32.97 20.98
N LYS B 238 1.07 -33.87 20.17
CA LYS B 238 1.88 -34.83 19.45
C LYS B 238 2.93 -34.13 18.57
N LEU B 239 2.45 -33.11 17.81
CA LEU B 239 3.24 -32.30 16.88
C LEU B 239 4.41 -31.60 17.53
N MET B 240 4.21 -31.04 18.71
CA MET B 240 5.34 -30.35 19.28
C MET B 240 6.46 -31.31 19.77
N GLU B 241 6.05 -32.56 20.09
CA GLU B 241 6.95 -33.65 20.47
C GLU B 241 7.88 -34.10 19.34
N ALA B 242 7.39 -34.26 18.12
CA ALA B 242 8.26 -34.74 17.06
C ALA B 242 9.30 -33.71 16.76
N LEU B 243 8.87 -32.45 17.00
CA LEU B 243 9.70 -31.29 16.81
C LEU B 243 10.67 -31.16 17.94
N GLY B 244 10.13 -31.20 19.14
CA GLY B 244 10.94 -30.99 20.28
C GLY B 244 10.82 -29.51 20.59
N ALA B 245 9.58 -29.03 20.46
CA ALA B 245 9.28 -27.70 20.79
C ALA B 245 8.83 -27.82 22.23
N LYS B 246 8.88 -26.74 22.97
CA LYS B 246 8.46 -26.79 24.34
C LYS B 246 7.39 -25.73 24.58
N LYS B 247 6.29 -26.06 25.29
CA LYS B 247 5.33 -25.02 25.59
C LYS B 247 6.13 -24.18 26.59
N ARG B 248 6.02 -22.85 26.47
CA ARG B 248 6.66 -21.90 27.36
C ARG B 248 5.58 -20.92 27.82
N LEU B 249 5.24 -20.99 29.12
CA LEU B 249 4.29 -20.11 29.81
C LEU B 249 3.00 -19.71 29.09
N PHE B 250 2.97 -19.89 27.80
CA PHE B 250 1.87 -19.49 26.96
C PHE B 250 1.82 -20.50 25.82
N ASP B 251 2.61 -20.20 24.73
CA ASP B 251 2.73 -21.03 23.52
C ASP B 251 4.12 -21.74 23.40
N TYR B 252 4.31 -22.51 22.33
CA TYR B 252 5.51 -23.32 22.11
C TYR B 252 6.70 -22.55 21.48
N VAL B 253 7.84 -22.59 22.20
CA VAL B 253 9.05 -21.96 21.73
C VAL B 253 10.19 -22.94 21.39
N VAL B 254 11.24 -22.38 20.79
CA VAL B 254 12.36 -23.16 20.35
C VAL B 254 13.62 -22.41 20.72
N LYS B 255 14.80 -23.05 20.71
CA LYS B 255 16.02 -22.30 20.93
C LYS B 255 16.36 -21.80 19.55
N CYS B 256 16.19 -20.51 19.33
CA CYS B 256 16.38 -19.97 17.98
C CYS B 256 17.42 -20.71 17.23
N ASN B 257 18.63 -20.69 17.74
CA ASN B 257 19.74 -21.40 17.13
C ASN B 257 19.38 -22.73 16.47
N GLU B 258 18.30 -23.36 16.95
CA GLU B 258 17.85 -24.67 16.54
C GLU B 258 16.73 -24.67 15.52
N GLY B 259 16.41 -23.49 15.02
CA GLY B 259 15.38 -23.32 14.02
C GLY B 259 15.69 -24.23 12.85
N PRO B 260 16.78 -23.87 12.13
CA PRO B 260 17.34 -24.60 10.97
C PRO B 260 17.42 -26.13 11.06
N THR B 261 17.34 -26.59 12.31
CA THR B 261 17.47 -27.96 12.72
C THR B 261 16.18 -28.79 12.55
N LEU B 262 15.02 -28.14 12.58
CA LEU B 262 13.70 -28.77 12.56
C LEU B 262 13.21 -29.34 11.22
N PRO B 263 12.48 -30.46 11.34
CA PRO B 263 11.87 -31.22 10.27
C PRO B 263 10.75 -30.44 9.61
N ASP B 264 10.63 -30.54 8.26
CA ASP B 264 9.57 -29.90 7.48
C ASP B 264 8.28 -30.48 7.99
N ILE B 265 7.18 -29.70 8.01
CA ILE B 265 5.86 -30.15 8.46
C ILE B 265 5.02 -30.21 7.20
N SER B 266 4.27 -31.30 6.92
CA SER B 266 3.56 -31.43 5.64
C SER B 266 2.06 -31.66 5.50
N PHE B 267 1.42 -30.73 4.86
CA PHE B 267 -0.02 -30.86 4.81
C PHE B 267 -0.51 -31.52 3.55
N HIS B 268 -0.94 -32.75 3.72
CA HIS B 268 -1.47 -33.56 2.68
C HIS B 268 -2.84 -33.01 2.24
N LEU B 269 -2.98 -32.18 1.18
CA LEU B 269 -4.29 -31.65 0.75
C LEU B 269 -4.68 -32.07 -0.68
N GLY B 270 -5.78 -32.80 -0.84
CA GLY B 270 -6.17 -33.22 -2.16
C GLY B 270 -5.01 -33.86 -2.96
N GLY B 271 -4.57 -35.02 -2.49
CA GLY B 271 -3.53 -35.75 -3.17
C GLY B 271 -2.12 -35.16 -3.09
N LYS B 272 -1.95 -33.82 -3.30
CA LYS B 272 -0.63 -33.19 -3.20
C LYS B 272 -0.24 -32.80 -1.76
N GLU B 273 1.03 -32.55 -1.47
CA GLU B 273 1.46 -32.13 -0.13
C GLU B 273 1.84 -30.64 -0.14
N TYR B 274 1.30 -29.90 0.79
CA TYR B 274 1.62 -28.49 1.00
C TYR B 274 2.66 -28.44 2.14
N THR B 275 3.96 -28.23 1.80
CA THR B 275 5.10 -28.35 2.72
C THR B 275 5.74 -27.06 3.16
N LEU B 276 5.73 -26.90 4.49
CA LEU B 276 6.21 -25.75 5.25
C LEU B 276 7.51 -26.09 5.95
N THR B 277 8.55 -25.32 5.76
CA THR B 277 9.74 -25.56 6.52
C THR B 277 9.83 -24.64 7.77
N SER B 278 10.89 -24.87 8.53
CA SER B 278 11.17 -24.06 9.66
C SER B 278 11.05 -22.60 9.26
N ALA B 279 11.76 -22.27 8.20
CA ALA B 279 11.80 -20.93 7.67
C ALA B 279 10.45 -20.27 7.77
N ASP B 280 9.46 -21.11 7.46
CA ASP B 280 8.06 -20.74 7.41
C ASP B 280 7.28 -20.96 8.69
N TYR B 281 7.76 -21.79 9.61
CA TYR B 281 7.05 -21.89 10.87
C TYR B 281 7.64 -21.10 12.02
N VAL B 282 8.93 -21.18 12.26
CA VAL B 282 9.53 -20.39 13.32
C VAL B 282 9.59 -18.88 13.03
N PHE B 283 9.53 -18.02 14.05
CA PHE B 283 9.71 -16.55 13.85
C PHE B 283 11.08 -16.14 14.34
N GLN B 284 12.04 -16.62 13.60
CA GLN B 284 13.39 -16.45 13.90
C GLN B 284 13.74 -15.02 14.05
N GLU B 285 13.50 -14.47 15.25
CA GLU B 285 13.84 -13.08 15.45
C GLU B 285 15.32 -12.97 15.34
N SER B 286 15.95 -14.15 15.62
CA SER B 286 17.41 -14.41 15.66
C SER B 286 17.78 -15.84 15.35
N TYR B 287 19.10 -16.06 15.42
CA TYR B 287 19.71 -17.35 15.28
C TYR B 287 20.59 -17.52 16.52
N SER B 288 20.10 -16.96 17.63
CA SER B 288 20.83 -17.06 18.89
C SER B 288 20.66 -18.37 19.61
N SER B 289 21.75 -18.79 20.18
CA SER B 289 21.70 -19.93 21.04
C SER B 289 21.09 -19.44 22.37
N LYS B 290 21.10 -18.14 22.56
CA LYS B 290 20.69 -17.41 23.75
C LYS B 290 19.23 -16.97 23.76
N LYS B 291 18.59 -17.12 22.64
CA LYS B 291 17.23 -16.70 22.58
C LYS B 291 16.32 -17.92 22.34
N LEU B 292 15.05 -17.74 22.75
CA LEU B 292 14.02 -18.68 22.48
C LEU B 292 13.18 -18.07 21.38
N CYS B 293 13.02 -18.70 20.22
CA CYS B 293 12.09 -18.17 19.25
C CYS B 293 10.77 -18.87 19.45
N THR B 294 9.66 -18.22 19.15
CA THR B 294 8.32 -18.82 19.26
C THR B 294 7.85 -19.42 17.93
N LEU B 295 7.05 -20.51 17.96
CA LEU B 295 6.50 -21.04 16.69
C LEU B 295 5.13 -20.44 16.37
N ALA B 296 4.81 -20.38 15.10
CA ALA B 296 3.58 -19.82 14.65
C ALA B 296 2.46 -20.86 14.33
N ILE B 297 2.25 -21.76 15.33
CA ILE B 297 1.28 -22.85 15.38
C ILE B 297 0.64 -22.77 16.78
N HIS B 298 -0.69 -23.02 16.94
CA HIS B 298 -1.34 -22.98 18.28
C HIS B 298 -2.32 -24.13 18.51
N ALA B 299 -2.55 -24.48 19.78
CA ALA B 299 -3.49 -25.57 20.08
C ALA B 299 -4.80 -24.87 20.14
N MET B 300 -5.81 -25.26 19.39
CA MET B 300 -7.02 -24.47 19.47
C MET B 300 -8.18 -25.35 19.23
N ASP B 301 -8.95 -25.62 20.28
CA ASP B 301 -10.04 -26.56 20.20
C ASP B 301 -11.31 -25.97 19.73
N ILE B 302 -11.68 -26.31 18.46
CA ILE B 302 -12.92 -25.86 17.81
C ILE B 302 -14.13 -26.74 18.19
N PRO B 303 -15.28 -26.12 18.50
CA PRO B 303 -16.48 -26.82 18.91
C PRO B 303 -17.33 -27.40 17.80
N PRO B 304 -17.96 -28.51 18.11
CA PRO B 304 -18.87 -29.10 17.16
C PRO B 304 -20.01 -28.12 16.93
N PRO B 305 -20.39 -27.88 15.68
CA PRO B 305 -20.24 -28.68 14.48
C PRO B 305 -18.96 -28.54 13.64
N THR B 306 -18.52 -27.25 13.54
CA THR B 306 -17.33 -26.85 12.77
C THR B 306 -16.02 -27.51 13.22
N GLY B 307 -16.00 -27.89 14.50
CA GLY B 307 -14.88 -28.63 15.06
C GLY B 307 -15.26 -30.10 15.30
N PRO B 308 -14.26 -30.97 15.60
CA PRO B 308 -12.86 -30.66 15.56
C PRO B 308 -12.32 -30.53 14.14
N THR B 309 -11.47 -29.52 14.00
CA THR B 309 -10.86 -29.20 12.74
C THR B 309 -9.48 -28.73 12.98
N TRP B 310 -8.63 -28.93 11.98
CA TRP B 310 -7.39 -28.26 11.92
C TRP B 310 -7.79 -26.90 11.34
N ALA B 311 -6.89 -25.94 11.32
CA ALA B 311 -7.21 -24.65 10.77
C ALA B 311 -6.01 -23.99 10.19
N LEU B 312 -5.91 -23.97 8.89
CA LEU B 312 -4.80 -23.29 8.29
C LEU B 312 -5.02 -21.79 8.30
N GLY B 313 -4.09 -21.09 8.97
CA GLY B 313 -4.16 -19.65 9.12
C GLY B 313 -3.21 -18.91 8.23
N ALA B 314 -2.83 -17.70 8.66
CA ALA B 314 -1.89 -16.86 7.96
C ALA B 314 -0.51 -17.52 7.75
N THR B 315 -0.13 -18.46 8.65
CA THR B 315 1.15 -19.19 8.62
C THR B 315 1.28 -19.90 7.32
N PHE B 316 0.23 -20.59 6.99
CA PHE B 316 0.14 -21.37 5.77
C PHE B 316 -0.17 -20.49 4.58
N ILE B 317 -1.00 -19.49 4.76
CA ILE B 317 -1.35 -18.60 3.67
C ILE B 317 -0.17 -17.78 3.18
N ARG B 318 0.80 -17.58 4.08
CA ARG B 318 2.02 -16.86 3.72
C ARG B 318 2.75 -17.58 2.63
N LYS B 319 2.77 -18.90 2.74
CA LYS B 319 3.38 -19.72 1.73
C LYS B 319 2.49 -19.93 0.48
N PHE B 320 1.25 -20.41 0.71
CA PHE B 320 0.42 -20.70 -0.42
C PHE B 320 -0.71 -19.76 -0.75
N TYR B 321 -0.47 -18.88 -1.74
CA TYR B 321 -1.47 -18.01 -2.28
C TYR B 321 -2.80 -18.74 -2.33
N THR B 322 -3.81 -18.17 -1.67
CA THR B 322 -5.12 -18.81 -1.63
C THR B 322 -6.22 -18.26 -2.57
N GLU B 323 -6.87 -19.18 -3.29
CA GLU B 323 -7.99 -18.89 -4.18
C GLU B 323 -9.33 -19.55 -3.71
N PHE B 324 -10.23 -18.66 -3.26
CA PHE B 324 -11.56 -18.99 -2.76
C PHE B 324 -12.53 -18.97 -3.90
N ASP B 325 -12.97 -20.13 -4.31
CA ASP B 325 -13.81 -20.27 -5.48
C ASP B 325 -15.30 -20.39 -5.17
N ARG B 326 -15.97 -19.28 -5.18
CA ARG B 326 -17.36 -19.36 -4.86
C ARG B 326 -18.04 -20.30 -5.82
N ARG B 327 -18.02 -19.92 -7.10
CA ARG B 327 -18.59 -20.71 -8.20
C ARG B 327 -18.54 -22.22 -7.99
N ASN B 328 -17.32 -22.78 -7.94
CA ASN B 328 -17.05 -24.21 -7.79
C ASN B 328 -16.94 -24.73 -6.37
N ASN B 329 -16.89 -23.80 -5.43
CA ASN B 329 -16.87 -24.15 -4.06
C ASN B 329 -15.72 -25.05 -3.90
N ARG B 330 -14.58 -24.52 -4.25
CA ARG B 330 -13.36 -25.25 -4.11
C ARG B 330 -12.31 -24.29 -3.59
N ILE B 331 -11.16 -24.78 -3.19
CA ILE B 331 -10.20 -23.82 -2.74
C ILE B 331 -8.92 -24.10 -3.50
N GLY B 332 -8.30 -23.10 -4.11
CA GLY B 332 -7.09 -23.43 -4.85
C GLY B 332 -5.87 -22.86 -4.19
N PHE B 333 -4.71 -23.51 -4.35
CA PHE B 333 -3.47 -23.04 -3.76
C PHE B 333 -2.33 -22.85 -4.77
N ALA B 334 -1.40 -22.01 -4.46
CA ALA B 334 -0.28 -21.78 -5.33
C ALA B 334 0.79 -21.08 -4.50
N LEU B 335 2.05 -21.19 -4.92
CA LEU B 335 3.20 -20.66 -4.24
C LEU B 335 3.26 -19.12 -4.31
N ALA B 336 3.11 -18.41 -3.18
CA ALA B 336 3.12 -16.96 -3.29
C ALA B 336 4.50 -16.41 -3.57
N ARG B 337 4.56 -15.16 -4.05
CA ARG B 337 5.83 -14.57 -4.42
C ARG B 337 5.96 -13.03 -4.23
C1 0QB C . 14.24 12.73 2.03
C2 0QB C . 12.59 14.16 3.20
C 0QB C . 13.31 14.70 0.93
O 0QB C . 12.64 15.65 1.01
N 0QB C . 13.36 13.87 2.00
N1 0QB C . 14.21 15.69 -1.08
C3 0QB C . 13.17 16.10 -1.84
O1 0QB C . 12.12 15.53 -1.86
CA 0QB C . 14.11 14.44 -0.31
CB 0QB C . 15.46 16.41 -1.17
CG2 0QB C . 15.83 16.78 0.27
CG 0QB C . 16.46 15.51 -1.92
CD1 0QB C . 17.62 15.16 -1.35
CD2 0QB C . 16.16 15.02 -3.13
CE1 0QB C . 18.47 14.34 -1.98
CE2 0QB C . 17.03 14.22 -3.77
CZ 0QB C . 18.18 13.89 -3.21
C4 0QB C . 12.30 19.18 -3.79
O2 0QB C . 13.08 20.05 -3.51
CA1 0QB C . 12.06 18.15 -2.71
CN 0QB C . 13.38 17.36 -2.65
CB1 0QB C . 11.89 18.91 -1.38
CG1 0QB C . 10.41 19.32 -1.24
CD21 0QB C . 10.00 20.58 -1.46
SE2 0QB C . 8.23 20.70 -1.27
CE11 0QB C . 8.26 18.97 -0.90
ND1 0QB C . 9.42 18.43 -0.94
NZ 0QB C . 7.14 18.35 -0.68
C11 0QB C . 10.78 20.79 -6.67
C21 0QB C . 12.06 20.07 -6.14
C31 0QB C . 12.73 19.29 -7.34
C1' 0QB C . 13.82 18.33 -6.82
C2' 0QB C . 13.84 16.99 -7.63
C3' 0QB C . 15.03 16.08 -7.19
C4' 0QB C . 16.37 16.82 -7.37
C5' 0QB C . 16.34 18.16 -6.54
C6' 0QB C . 15.17 19.06 -7.00
N2 0QB C . 11.75 19.08 -5.06
O11 0QB C . 9.77 19.78 -6.88
N11 0QB C . 9.80 24.18 -5.96
C22 0QB C . 10.79 23.25 -5.92
O21 0QB C . 12.04 23.54 -5.97
C32 0QB C . 10.27 21.85 -5.63
C41 0QB C . 8.71 22.09 -5.65
C5 0QB C . 8.49 23.64 -5.88
CM1 0QB C . 10.01 25.56 -6.22
CM2 0QB C . 7.85 23.97 -7.27
CM3 0QB C . 7.61 24.23 -4.73
C1 0QB D . -1.45 -14.24 17.02
C2 0QB D . -1.62 -16.30 18.46
C 0QB D . -3.63 -15.02 17.83
O 0QB D . -4.34 -15.81 18.42
N 0QB D . -2.27 -15.19 17.77
N1 0QB D . -5.71 -13.90 17.20
C3 0QB D . -6.25 -14.60 16.18
O1 0QB D . -5.50 -15.12 15.37
CA 0QB D . -4.25 -13.79 17.20
CB 0QB D . -6.61 -13.28 18.21
CG2 0QB D . -5.92 -12.81 19.50
CG 0QB D . -6.92 -11.79 17.88
CD1 0QB D . -8.20 -11.39 17.79
CD2 0QB D . -5.93 -10.91 17.73
CE1 0QB D . -8.46 -10.12 17.54
CE2 0QB D . -6.18 -9.63 17.50
CZ 0QB D . -7.45 -9.23 17.37
C4 0QB D . -9.70 -16.00 15.58
O2 0QB D . -10.21 -16.13 16.68
CA1 0QB D . -8.19 -16.05 15.51
CN 0QB D . -7.77 -14.70 16.08
CB1 0QB D . -7.75 -17.12 16.48
CG1 0QB D . -7.82 -18.48 15.81
CD21 0QB D . -8.90 -19.23 15.85
SE2 0QB D . -8.59 -20.84 15.18
CE11 0QB D . -6.96 -20.27 14.94
ND1 0QB D . -6.74 -19.09 15.31
NZ 0QB D . -6.07 -21.03 14.36
C11 0QB D . -12.40 -16.58 13.26
C21 0QB D . -11.85 -15.58 14.33
C31 0QB D . -12.18 -14.14 13.85
C1' 0QB D . -11.18 -13.10 14.44
C2' 0QB D . -10.74 -12.08 13.33
C3' 0QB D . -9.93 -10.90 13.92
C4' 0QB D . -10.81 -10.22 15.01
C5' 0QB D . -11.11 -11.22 16.16
C6' 0QB D . -11.94 -12.38 15.59
N2 0QB D . -10.39 -15.73 14.41
O11 0QB D . -11.57 -16.59 12.07
N11 0QB D . -14.33 -19.38 14.40
C22 0QB D . -13.86 -18.12 14.57
O21 0QB D . -14.50 -17.18 15.18
C32 0QB D . -12.51 -17.95 13.93
C41 0QB D . -12.47 -19.18 12.97
C5 0QB D . -13.40 -20.23 13.69
CM1 0QB D . -15.57 -19.84 14.96
CM2 0QB D . -14.08 -21.18 12.66
CM3 0QB D . -12.59 -21.04 14.77
#